data_7NLL
#
_entry.id   7NLL
#
_cell.length_a   1.00
_cell.length_b   1.00
_cell.length_c   1.00
_cell.angle_alpha   90.00
_cell.angle_beta   90.00
_cell.angle_gamma   90.00
#
_symmetry.space_group_name_H-M   'P 1'
#
loop_
_entity.id
_entity.type
_entity.pdbx_description
1 polymer 'Spike protein S1'
2 polymer 'Nanobody Fu2'
3 non-polymer 2-acetamido-2-deoxy-beta-D-glucopyranose
#
loop_
_entity_poly.entity_id
_entity_poly.type
_entity_poly.pdbx_seq_one_letter_code
_entity_poly.pdbx_strand_id
1 'polypeptide(L)'
;RVQPTESIVRFPNITNLCPFGEVFNATRFASVYAWNRKRISNCVADYSVLYNSASFSTFKCYGVSPTKLNDLCFTNVYAD
SFVIRGDEVRQIAPGQTGKIADYNYKLPDDFTGCVIAWNSNNLDSKVGGNYNYLYRLFRKSNLKPFERDISTEIYQAGST
PCNGVEGFNCYFPLQSYGFQPTNGVGYQPYRVVVLSFELLHAPATVCGPKKSTNLVKNKCVNGGLPETGG
;
B,D
2 'polypeptide(L)'
;QVQLVESGGGLVQPGGSLRLSCAASGFTLDDYAIGWFRQAPGKEREGVSFITSSDGSTYYVDSVKGRFTISRDNAKNTVY
LQMNSLTPEDTAIYYCAVGPSFSYTGSTYYRSELPWDYDYWGQGTQVTVSSGGLPETGGHHHHHH
;
A,C
#
# COMPACT_ATOMS: atom_id res chain seq x y z
N THR A 15 -37.73 -15.09 27.66
CA THR A 15 -36.52 -14.41 27.20
C THR A 15 -35.62 -15.34 26.37
N ASN A 16 -36.02 -15.54 25.11
CA ASN A 16 -35.25 -16.38 24.19
C ASN A 16 -34.32 -15.48 23.38
N LEU A 17 -33.03 -15.57 23.66
CA LEU A 17 -32.05 -14.71 23.03
C LEU A 17 -31.89 -15.04 21.55
N CYS A 18 -31.59 -14.03 20.74
CA CYS A 18 -31.44 -14.23 19.32
C CYS A 18 -30.15 -15.01 19.06
N PRO A 19 -30.12 -15.85 18.03
CA PRO A 19 -28.91 -16.68 17.83
C PRO A 19 -27.77 -15.92 17.18
N PHE A 20 -27.22 -14.94 17.91
CA PHE A 20 -26.08 -14.21 17.41
C PHE A 20 -24.83 -15.07 17.46
N GLY A 21 -24.65 -15.83 18.54
CA GLY A 21 -23.48 -16.68 18.67
C GLY A 21 -23.36 -17.68 17.54
N GLU A 22 -24.50 -18.23 17.08
CA GLU A 22 -24.47 -19.16 15.97
C GLU A 22 -23.92 -18.51 14.72
N VAL A 23 -24.30 -17.26 14.45
CA VAL A 23 -23.82 -16.56 13.27
C VAL A 23 -22.34 -16.24 13.42
N PHE A 24 -21.97 -15.64 14.55
CA PHE A 24 -20.59 -15.20 14.74
C PHE A 24 -19.65 -16.38 14.98
N ASN A 25 -20.05 -17.31 15.85
CA ASN A 25 -19.22 -18.48 16.16
C ASN A 25 -19.70 -19.64 15.30
N ALA A 26 -19.35 -19.60 14.03
CA ALA A 26 -19.72 -20.64 13.07
C ALA A 26 -18.46 -21.28 12.53
N THR A 27 -18.42 -22.62 12.55
CA THR A 27 -17.23 -23.32 12.09
C THR A 27 -16.96 -23.06 10.61
N ARG A 28 -18.02 -23.06 9.79
CA ARG A 28 -17.90 -22.85 8.36
C ARG A 28 -18.56 -21.53 7.96
N PHE A 29 -17.83 -20.72 7.20
CA PHE A 29 -18.33 -19.47 6.65
C PHE A 29 -18.34 -19.54 5.13
N ALA A 30 -19.38 -18.98 4.52
CA ALA A 30 -19.56 -19.05 3.08
C ALA A 30 -18.52 -18.19 2.35
N SER A 31 -18.30 -18.54 1.10
CA SER A 31 -17.40 -17.79 0.25
C SER A 31 -18.02 -16.45 -0.16
N VAL A 32 -17.16 -15.54 -0.61
CA VAL A 32 -17.60 -14.19 -0.92
C VAL A 32 -18.64 -14.19 -2.03
N TYR A 33 -18.42 -14.98 -3.07
CA TYR A 33 -19.33 -14.98 -4.21
C TYR A 33 -20.73 -15.44 -3.82
N ALA A 34 -20.82 -16.43 -2.92
CA ALA A 34 -22.11 -16.94 -2.46
C ALA A 34 -22.21 -16.73 -0.95
N TRP A 35 -22.41 -15.48 -0.55
CA TRP A 35 -22.49 -15.14 0.87
C TRP A 35 -23.76 -15.72 1.48
N ASN A 36 -23.67 -16.10 2.75
CA ASN A 36 -24.77 -16.73 3.46
C ASN A 36 -25.55 -15.69 4.24
N ARG A 37 -26.86 -15.63 4.01
CA ARG A 37 -27.76 -14.70 4.67
C ARG A 37 -28.67 -15.43 5.64
N LYS A 38 -28.71 -14.98 6.88
CA LYS A 38 -29.58 -15.55 7.91
C LYS A 38 -30.51 -14.47 8.43
N ARG A 39 -31.81 -14.75 8.39
CA ARG A 39 -32.83 -13.82 8.85
C ARG A 39 -33.19 -14.16 10.29
N ILE A 40 -33.05 -13.18 11.18
CA ILE A 40 -33.30 -13.36 12.60
C ILE A 40 -34.52 -12.54 12.98
N SER A 41 -35.48 -13.17 13.64
CA SER A 41 -36.69 -12.48 14.09
C SER A 41 -37.32 -13.26 15.24
N ASN A 42 -38.30 -12.62 15.88
CA ASN A 42 -39.07 -13.22 16.97
C ASN A 42 -38.18 -13.69 18.12
N CYS A 43 -37.23 -12.85 18.51
CA CYS A 43 -36.37 -13.13 19.65
C CYS A 43 -35.87 -11.83 20.24
N VAL A 44 -35.43 -11.91 21.49
CA VAL A 44 -34.90 -10.74 22.20
C VAL A 44 -33.41 -10.65 21.86
N ALA A 45 -33.07 -9.74 20.95
CA ALA A 45 -31.70 -9.60 20.49
C ALA A 45 -30.85 -8.90 21.55
N ASP A 46 -29.68 -9.44 21.83
CA ASP A 46 -28.73 -8.81 22.74
C ASP A 46 -27.61 -8.21 21.90
N TYR A 47 -27.58 -6.88 21.84
CA TYR A 47 -26.53 -6.15 21.14
C TYR A 47 -25.35 -5.82 22.03
N SER A 48 -25.52 -5.87 23.35
CA SER A 48 -24.46 -5.48 24.26
C SER A 48 -23.22 -6.34 24.06
N VAL A 49 -23.40 -7.65 23.86
CA VAL A 49 -22.25 -8.54 23.71
C VAL A 49 -21.42 -8.16 22.49
N LEU A 50 -22.08 -7.75 21.40
CA LEU A 50 -21.36 -7.42 20.18
C LEU A 50 -20.44 -6.22 20.38
N TYR A 51 -20.92 -5.16 21.00
CA TYR A 51 -20.10 -3.97 21.16
C TYR A 51 -19.27 -3.94 22.43
N ASN A 52 -19.48 -4.89 23.35
CA ASN A 52 -18.66 -4.98 24.55
C ASN A 52 -17.49 -5.94 24.38
N SER A 53 -17.35 -6.55 23.21
CA SER A 53 -16.32 -7.53 22.93
C SER A 53 -15.21 -6.89 22.11
N ALA A 54 -13.97 -7.06 22.56
CA ALA A 54 -12.81 -6.52 21.87
C ALA A 54 -12.29 -7.46 20.78
N SER A 55 -12.92 -8.63 20.61
CA SER A 55 -12.45 -9.60 19.63
C SER A 55 -12.53 -9.04 18.21
N PHE A 56 -13.58 -8.28 17.90
CA PHE A 56 -13.77 -7.80 16.54
C PHE A 56 -12.76 -6.71 16.21
N SER A 57 -11.99 -6.92 15.14
CA SER A 57 -11.01 -5.94 14.72
C SER A 57 -11.67 -4.66 14.21
N THR A 58 -12.72 -4.79 13.40
CA THR A 58 -13.37 -3.65 12.77
C THR A 58 -14.86 -3.68 13.08
N PHE A 59 -15.38 -2.58 13.63
CA PHE A 59 -16.80 -2.44 13.88
C PHE A 59 -17.25 -1.11 13.29
N LYS A 60 -18.13 -1.17 12.29
CA LYS A 60 -18.69 0.02 11.65
C LYS A 60 -20.20 -0.06 11.69
N CYS A 61 -20.85 1.00 12.13
CA CYS A 61 -22.31 1.11 12.14
C CYS A 61 -22.74 2.29 11.30
N TYR A 62 -23.63 2.05 10.35
CA TYR A 62 -24.14 3.08 9.45
C TYR A 62 -25.62 3.27 9.70
N GLY A 63 -26.01 4.50 10.03
CA GLY A 63 -27.41 4.83 10.22
C GLY A 63 -28.00 4.40 11.54
N VAL A 64 -27.20 3.78 12.41
CA VAL A 64 -27.67 3.29 13.70
C VAL A 64 -26.53 3.47 14.70
N SER A 65 -26.91 3.56 15.97
CA SER A 65 -25.92 3.67 17.04
C SER A 65 -25.97 2.42 17.91
N PRO A 66 -24.82 1.83 18.22
CA PRO A 66 -24.82 0.56 18.97
C PRO A 66 -25.50 0.66 20.32
N THR A 67 -25.28 1.74 21.06
CA THR A 67 -25.96 1.91 22.34
C THR A 67 -27.47 2.05 22.13
N LYS A 68 -27.88 2.79 21.11
CA LYS A 68 -29.28 3.02 20.83
C LYS A 68 -29.98 1.76 20.30
N LEU A 69 -29.22 0.77 19.84
CA LEU A 69 -29.82 -0.42 19.23
C LEU A 69 -30.76 -1.14 20.20
N ASN A 70 -30.40 -1.20 21.48
CA ASN A 70 -31.22 -1.94 22.44
C ASN A 70 -32.62 -1.35 22.53
N ASP A 71 -32.74 -0.02 22.59
CA ASP A 71 -34.05 0.61 22.65
C ASP A 71 -34.83 0.41 21.36
N LEU A 72 -34.17 0.50 20.21
CA LEU A 72 -34.84 0.43 18.93
C LEU A 72 -35.41 -0.97 18.66
N CYS A 73 -36.53 -1.01 17.96
CA CYS A 73 -37.19 -2.25 17.55
C CYS A 73 -37.19 -2.35 16.03
N PHE A 74 -36.80 -3.51 15.52
CA PHE A 74 -36.70 -3.75 14.09
C PHE A 74 -37.53 -4.96 13.70
N THR A 75 -38.20 -4.88 12.56
CA THR A 75 -39.03 -5.98 12.09
C THR A 75 -38.20 -7.23 11.81
N ASN A 76 -37.08 -7.06 11.12
CA ASN A 76 -36.24 -8.20 10.75
C ASN A 76 -34.79 -7.76 10.74
N VAL A 77 -33.89 -8.69 11.09
CA VAL A 77 -32.46 -8.47 11.04
C VAL A 77 -31.83 -9.51 10.13
N TYR A 78 -30.99 -9.07 9.21
CA TYR A 78 -30.33 -9.95 8.25
C TYR A 78 -28.83 -9.96 8.50
N ALA A 79 -28.27 -11.15 8.68
CA ALA A 79 -26.84 -11.31 8.94
C ALA A 79 -26.19 -11.98 7.73
N ASP A 80 -25.18 -11.34 7.17
CA ASP A 80 -24.48 -11.82 5.99
C ASP A 80 -23.06 -12.21 6.41
N SER A 81 -22.69 -13.47 6.16
CA SER A 81 -21.41 -14.01 6.60
C SER A 81 -20.54 -14.39 5.40
N PHE A 82 -19.33 -13.85 5.37
CA PHE A 82 -18.36 -14.18 4.33
C PHE A 82 -16.96 -13.91 4.86
N VAL A 83 -15.97 -14.53 4.22
CA VAL A 83 -14.56 -14.36 4.57
C VAL A 83 -13.86 -13.66 3.42
N ILE A 84 -13.17 -12.55 3.72
CA ILE A 84 -12.51 -11.73 2.73
C ILE A 84 -11.11 -11.37 3.22
N ARG A 85 -10.28 -10.90 2.29
CA ARG A 85 -8.95 -10.41 2.62
C ARG A 85 -9.03 -9.10 3.40
N GLY A 86 -7.94 -8.78 4.10
CA GLY A 86 -7.92 -7.57 4.89
C GLY A 86 -8.11 -6.31 4.07
N ASP A 87 -7.52 -6.25 2.88
CA ASP A 87 -7.73 -5.10 2.00
C ASP A 87 -9.18 -4.99 1.58
N GLU A 88 -9.83 -6.12 1.31
CA GLU A 88 -11.20 -6.11 0.82
C GLU A 88 -12.20 -5.64 1.87
N VAL A 89 -11.82 -5.62 3.15
CA VAL A 89 -12.73 -5.18 4.20
C VAL A 89 -13.14 -3.73 3.97
N ARG A 90 -12.20 -2.90 3.51
CA ARG A 90 -12.51 -1.52 3.18
C ARG A 90 -13.56 -1.42 2.07
N GLN A 91 -13.46 -2.31 1.08
CA GLN A 91 -14.35 -2.24 -0.07
C GLN A 91 -15.82 -2.40 0.31
N ILE A 92 -16.11 -3.27 1.29
CA ILE A 92 -17.51 -3.53 1.62
C ILE A 92 -18.02 -2.46 2.58
N ALA A 93 -18.51 -1.36 2.02
CA ALA A 93 -19.10 -0.27 2.77
C ALA A 93 -20.04 0.48 1.84
N PRO A 94 -21.01 1.22 2.39
CA PRO A 94 -21.88 2.01 1.53
C PRO A 94 -21.10 3.04 0.74
N GLY A 95 -21.43 3.16 -0.54
CA GLY A 95 -20.75 4.11 -1.42
C GLY A 95 -19.26 3.88 -1.55
N GLN A 96 -18.83 2.62 -1.57
CA GLN A 96 -17.43 2.28 -1.74
C GLN A 96 -17.29 1.35 -2.94
N THR A 97 -16.29 1.64 -3.79
CA THR A 97 -16.09 0.91 -5.03
C THR A 97 -14.89 -0.04 -4.90
N GLY A 98 -15.13 -1.31 -5.19
CA GLY A 98 -14.10 -2.33 -5.16
C GLY A 98 -14.54 -3.50 -6.01
N LYS A 99 -13.59 -4.39 -6.31
CA LYS A 99 -13.95 -5.60 -7.04
C LYS A 99 -14.94 -6.44 -6.26
N ILE A 100 -14.71 -6.58 -4.96
CA ILE A 100 -15.64 -7.34 -4.11
C ILE A 100 -17.00 -6.66 -4.09
N ALA A 101 -17.01 -5.34 -3.93
CA ALA A 101 -18.27 -4.61 -3.94
C ALA A 101 -18.96 -4.70 -5.29
N ASP A 102 -18.20 -4.53 -6.38
CA ASP A 102 -18.81 -4.49 -7.70
C ASP A 102 -19.39 -5.82 -8.12
N TYR A 103 -18.67 -6.92 -7.90
CA TYR A 103 -19.10 -8.21 -8.44
C TYR A 103 -19.42 -9.28 -7.41
N ASN A 104 -19.23 -9.04 -6.11
CA ASN A 104 -19.45 -10.10 -5.12
C ASN A 104 -20.55 -9.73 -4.14
N TYR A 105 -20.33 -8.76 -3.26
CA TYR A 105 -21.35 -8.34 -2.31
C TYR A 105 -21.50 -6.83 -2.39
N LYS A 106 -22.73 -6.36 -2.56
CA LYS A 106 -23.01 -4.93 -2.74
C LYS A 106 -23.84 -4.41 -1.59
N LEU A 107 -23.42 -3.28 -1.03
CA LEU A 107 -24.12 -2.63 0.08
C LEU A 107 -24.82 -1.38 -0.41
N PRO A 108 -26.11 -1.20 -0.10
CA PRO A 108 -26.82 0.00 -0.56
C PRO A 108 -26.22 1.25 0.07
N ASP A 109 -26.25 2.35 -0.69
CA ASP A 109 -25.78 3.61 -0.13
C ASP A 109 -26.64 4.03 1.06
N ASP A 110 -27.96 3.87 0.96
CA ASP A 110 -28.88 4.11 2.07
C ASP A 110 -29.05 2.82 2.87
N PHE A 111 -28.02 2.49 3.64
CA PHE A 111 -27.97 1.25 4.39
C PHE A 111 -27.95 1.54 5.89
N THR A 112 -28.86 0.91 6.62
CA THR A 112 -28.91 0.99 8.07
C THR A 112 -28.46 -0.35 8.65
N GLY A 113 -27.38 -0.34 9.40
CA GLY A 113 -26.87 -1.56 9.99
C GLY A 113 -25.41 -1.41 10.36
N CYS A 114 -24.87 -2.52 10.87
CA CYS A 114 -23.49 -2.56 11.34
C CYS A 114 -22.74 -3.67 10.63
N VAL A 115 -21.56 -3.35 10.12
CA VAL A 115 -20.67 -4.34 9.50
C VAL A 115 -19.54 -4.64 10.49
N ILE A 116 -19.38 -5.92 10.82
CA ILE A 116 -18.42 -6.34 11.84
C ILE A 116 -17.43 -7.31 11.20
N ALA A 117 -16.13 -7.03 11.36
CA ALA A 117 -15.07 -7.86 10.83
C ALA A 117 -14.06 -8.18 11.92
N TRP A 118 -13.62 -9.43 11.98
CA TRP A 118 -12.57 -9.83 12.91
C TRP A 118 -11.60 -10.77 12.21
N ASN A 119 -10.33 -10.72 12.62
CA ASN A 119 -9.30 -11.54 12.01
C ASN A 119 -9.55 -13.01 12.31
N SER A 120 -9.46 -13.84 11.27
CA SER A 120 -9.62 -15.29 11.38
C SER A 120 -8.43 -16.04 10.82
N ASN A 121 -7.23 -15.46 10.95
CA ASN A 121 -6.05 -16.05 10.33
C ASN A 121 -5.80 -17.46 10.83
N ASN A 122 -5.87 -17.68 12.14
CA ASN A 122 -5.59 -19.00 12.69
C ASN A 122 -6.61 -20.03 12.22
N LEU A 123 -7.91 -19.67 12.25
CA LEU A 123 -8.95 -20.62 11.90
C LEU A 123 -8.94 -21.00 10.42
N ASP A 124 -8.74 -20.04 9.53
CA ASP A 124 -8.93 -20.28 8.10
C ASP A 124 -7.62 -20.32 7.30
N SER A 125 -6.47 -20.46 7.93
CA SER A 125 -5.21 -20.60 7.22
C SER A 125 -4.57 -21.93 7.56
N LYS A 126 -4.13 -22.66 6.51
CA LYS A 126 -3.39 -23.90 6.68
C LYS A 126 -2.08 -23.79 5.92
N VAL A 127 -1.14 -24.67 6.26
CA VAL A 127 0.21 -24.57 5.69
C VAL A 127 0.18 -24.66 4.18
N GLY A 128 -0.61 -25.57 3.62
CA GLY A 128 -0.77 -25.61 2.18
C GLY A 128 -1.45 -24.37 1.63
N GLY A 129 -2.43 -23.87 2.36
CA GLY A 129 -3.22 -22.71 1.97
C GLY A 129 -4.65 -23.13 1.72
N ASN A 130 -5.59 -22.30 2.13
CA ASN A 130 -7.01 -22.61 2.02
C ASN A 130 -7.56 -21.96 0.75
N TYR A 131 -7.73 -22.76 -0.29
CA TYR A 131 -8.23 -22.28 -1.57
C TYR A 131 -9.73 -22.51 -1.74
N ASN A 132 -10.40 -23.03 -0.71
CA ASN A 132 -11.83 -23.28 -0.81
C ASN A 132 -12.61 -21.98 -1.00
N TYR A 133 -12.21 -20.91 -0.32
CA TYR A 133 -12.89 -19.64 -0.47
C TYR A 133 -12.64 -19.06 -1.87
N LEU A 134 -13.70 -18.55 -2.48
CA LEU A 134 -13.64 -18.03 -3.84
C LEU A 134 -14.36 -16.69 -3.93
N TYR A 135 -13.92 -15.87 -4.87
CA TYR A 135 -14.56 -14.59 -5.16
C TYR A 135 -14.71 -14.43 -6.66
N ARG A 136 -15.73 -13.68 -7.07
CA ARG A 136 -16.05 -13.52 -8.48
C ARG A 136 -15.20 -12.39 -9.07
N LEU A 137 -14.11 -12.76 -9.73
CA LEU A 137 -13.22 -11.79 -10.32
C LEU A 137 -13.88 -11.02 -11.46
N PHE A 138 -14.62 -11.71 -12.32
CA PHE A 138 -15.20 -11.12 -13.52
C PHE A 138 -16.71 -11.34 -13.53
N ARG A 139 -17.45 -10.26 -13.80
CA ARG A 139 -18.89 -10.35 -14.01
C ARG A 139 -19.29 -9.34 -15.07
N LYS A 140 -20.40 -9.62 -15.75
CA LYS A 140 -20.83 -8.77 -16.86
C LYS A 140 -21.17 -7.36 -16.39
N SER A 141 -21.87 -7.24 -15.27
CA SER A 141 -22.30 -5.95 -14.75
C SER A 141 -22.09 -5.90 -13.25
N ASN A 142 -22.02 -4.68 -12.71
CA ASN A 142 -21.90 -4.52 -11.28
C ASN A 142 -23.17 -5.03 -10.60
N LEU A 143 -22.98 -5.73 -9.48
CA LEU A 143 -24.11 -6.30 -8.77
C LEU A 143 -24.97 -5.22 -8.11
N LYS A 144 -26.28 -5.41 -8.16
CA LYS A 144 -27.19 -4.51 -7.46
C LYS A 144 -27.12 -4.81 -5.96
N PRO A 145 -27.52 -3.84 -5.12
CA PRO A 145 -27.40 -4.04 -3.67
C PRO A 145 -28.17 -5.25 -3.17
N PHE A 146 -27.54 -5.99 -2.26
CA PHE A 146 -28.11 -7.19 -1.63
C PHE A 146 -28.53 -8.23 -2.67
N GLU A 147 -27.72 -8.41 -3.70
CA GLU A 147 -27.97 -9.41 -4.72
C GLU A 147 -26.82 -10.40 -4.76
N ARG A 148 -27.14 -11.68 -4.86
CA ARG A 148 -26.15 -12.75 -4.85
C ARG A 148 -26.13 -13.43 -6.22
N ASP A 149 -24.95 -13.54 -6.81
CA ASP A 149 -24.76 -14.25 -8.06
C ASP A 149 -23.93 -15.50 -7.77
N ILE A 150 -24.52 -16.67 -8.03
CA ILE A 150 -23.84 -17.94 -7.80
C ILE A 150 -23.53 -18.69 -9.09
N SER A 151 -24.00 -18.21 -10.24
CA SER A 151 -23.81 -18.95 -11.48
C SER A 151 -22.34 -18.99 -11.87
N THR A 152 -21.87 -20.17 -12.23
CA THR A 152 -20.49 -20.40 -12.67
C THR A 152 -20.49 -20.61 -14.18
N GLU A 153 -20.37 -19.51 -14.92
CA GLU A 153 -20.36 -19.53 -16.37
C GLU A 153 -19.11 -18.81 -16.85
N ILE A 154 -18.45 -19.35 -17.87
CA ILE A 154 -17.17 -18.80 -18.32
C ILE A 154 -17.39 -17.36 -18.80
N TYR A 155 -16.53 -16.47 -18.32
CA TYR A 155 -16.64 -15.05 -18.66
C TYR A 155 -16.08 -14.79 -20.04
N GLN A 156 -16.82 -14.04 -20.85
CA GLN A 156 -16.40 -13.68 -22.19
C GLN A 156 -15.88 -12.25 -22.18
N ALA A 157 -14.65 -12.07 -22.67
CA ALA A 157 -14.04 -10.75 -22.77
C ALA A 157 -13.78 -10.35 -24.21
N GLY A 158 -13.26 -11.26 -25.03
CA GLY A 158 -13.04 -10.97 -26.43
C GLY A 158 -14.31 -11.11 -27.22
N SER A 159 -14.21 -10.76 -28.51
CA SER A 159 -15.36 -10.91 -29.39
C SER A 159 -15.75 -12.37 -29.57
N THR A 160 -14.77 -13.26 -29.64
CA THR A 160 -15.03 -14.67 -29.89
C THR A 160 -15.87 -15.28 -28.78
N PRO A 161 -16.91 -16.05 -29.10
CA PRO A 161 -17.73 -16.69 -28.06
C PRO A 161 -16.96 -17.78 -27.33
N CYS A 162 -17.08 -17.79 -26.00
CA CYS A 162 -16.44 -18.84 -25.21
C CYS A 162 -17.02 -20.21 -25.54
N ASN A 163 -18.34 -20.30 -25.72
CA ASN A 163 -19.04 -21.54 -26.02
C ASN A 163 -18.91 -22.55 -24.88
N GLY A 164 -18.74 -22.07 -23.66
CA GLY A 164 -18.64 -22.94 -22.51
C GLY A 164 -17.30 -23.63 -22.32
N VAL A 165 -16.29 -23.26 -23.09
CA VAL A 165 -14.98 -23.90 -23.04
C VAL A 165 -13.94 -22.86 -22.64
N GLU A 166 -13.10 -23.20 -21.68
CA GLU A 166 -12.02 -22.31 -21.28
C GLU A 166 -11.03 -22.14 -22.44
N GLY A 167 -10.62 -20.90 -22.67
CA GLY A 167 -9.76 -20.57 -23.78
C GLY A 167 -9.17 -19.20 -23.59
N PHE A 168 -8.38 -18.78 -24.57
CA PHE A 168 -7.85 -17.42 -24.57
C PHE A 168 -9.00 -16.43 -24.60
N ASN A 169 -8.93 -15.43 -23.71
CA ASN A 169 -9.92 -14.37 -23.53
C ASN A 169 -11.17 -14.86 -22.83
N CYS A 170 -11.18 -16.11 -22.36
CA CYS A 170 -12.30 -16.68 -21.62
C CYS A 170 -11.76 -17.19 -20.29
N TYR A 171 -12.31 -16.70 -19.19
CA TYR A 171 -11.77 -17.02 -17.87
C TYR A 171 -12.88 -17.43 -16.91
N PHE A 172 -12.59 -18.43 -16.09
CA PHE A 172 -13.53 -18.83 -15.05
C PHE A 172 -13.68 -17.70 -14.04
N PRO A 173 -14.90 -17.34 -13.65
CA PRO A 173 -15.06 -16.16 -12.76
C PRO A 173 -14.45 -16.32 -11.38
N LEU A 174 -14.61 -17.48 -10.75
CA LEU A 174 -14.16 -17.64 -9.37
C LEU A 174 -12.64 -17.68 -9.29
N GLN A 175 -12.09 -17.00 -8.28
CA GLN A 175 -10.65 -16.98 -8.03
C GLN A 175 -10.39 -17.38 -6.58
N SER A 176 -9.45 -18.29 -6.39
CA SER A 176 -9.10 -18.79 -5.06
C SER A 176 -8.32 -17.77 -4.25
N TYR A 177 -8.38 -17.91 -2.93
CA TYR A 177 -7.64 -17.07 -1.99
C TYR A 177 -6.49 -17.89 -1.42
N GLY A 178 -5.28 -17.32 -1.42
CA GLY A 178 -4.13 -18.08 -0.94
C GLY A 178 -4.24 -18.42 0.54
N PHE A 179 -4.54 -17.42 1.36
CA PHE A 179 -4.81 -17.60 2.80
C PHE A 179 -3.73 -18.42 3.51
N GLN A 180 -2.46 -18.10 3.23
CA GLN A 180 -1.40 -18.78 3.95
C GLN A 180 -1.29 -18.25 5.38
N PRO A 181 -0.79 -19.06 6.32
CA PRO A 181 -0.59 -18.56 7.69
C PRO A 181 0.41 -17.43 7.77
N THR A 182 1.48 -17.49 6.99
CA THR A 182 2.53 -16.49 7.03
C THR A 182 2.17 -15.24 6.24
N ASN A 183 1.01 -15.22 5.60
CA ASN A 183 0.60 -14.08 4.80
C ASN A 183 0.46 -12.83 5.65
N GLY A 184 0.67 -11.68 5.03
CA GLY A 184 0.59 -10.42 5.73
C GLY A 184 -0.83 -10.09 6.13
N VAL A 185 -0.95 -9.09 7.02
CA VAL A 185 -2.25 -8.75 7.58
C VAL A 185 -3.24 -8.39 6.48
N GLY A 186 -2.76 -7.71 5.44
CA GLY A 186 -3.64 -7.40 4.32
C GLY A 186 -4.19 -8.64 3.63
N TYR A 187 -3.35 -9.66 3.47
CA TYR A 187 -3.75 -10.89 2.81
C TYR A 187 -4.36 -11.91 3.76
N GLN A 188 -4.34 -11.67 5.06
CA GLN A 188 -4.87 -12.62 6.02
C GLN A 188 -6.39 -12.70 5.89
N PRO A 189 -6.98 -13.89 6.05
CA PRO A 189 -8.43 -14.01 5.99
C PRO A 189 -9.10 -13.25 7.12
N TYR A 190 -10.17 -12.54 6.76
CA TYR A 190 -10.98 -11.80 7.73
C TYR A 190 -12.43 -12.24 7.62
N ARG A 191 -13.00 -12.66 8.73
CA ARG A 191 -14.41 -13.05 8.79
C ARG A 191 -15.26 -11.82 9.03
N VAL A 192 -16.25 -11.59 8.16
CA VAL A 192 -17.07 -10.40 8.19
C VAL A 192 -18.53 -10.81 8.32
N VAL A 193 -19.23 -10.23 9.30
CA VAL A 193 -20.67 -10.40 9.47
C VAL A 193 -21.30 -9.02 9.31
N VAL A 194 -22.25 -8.91 8.39
CA VAL A 194 -22.94 -7.65 8.10
C VAL A 194 -24.36 -7.75 8.63
N LEU A 195 -24.73 -6.82 9.49
CA LEU A 195 -26.06 -6.78 10.08
C LEU A 195 -26.91 -5.73 9.36
N SER A 196 -28.06 -6.16 8.86
CA SER A 196 -29.01 -5.27 8.19
C SER A 196 -30.29 -5.19 9.00
N PHE A 197 -30.71 -3.98 9.33
CA PHE A 197 -31.89 -3.75 10.16
C PHE A 197 -32.98 -3.17 9.27
N GLU A 198 -34.12 -3.85 9.21
CA GLU A 198 -35.23 -3.46 8.37
C GLU A 198 -36.47 -3.25 9.25
N LEU A 199 -37.04 -2.06 9.18
CA LEU A 199 -38.28 -1.74 9.88
C LEU A 199 -39.45 -1.55 8.91
N LEU A 200 -39.27 -1.89 7.64
CA LEU A 200 -40.31 -1.64 6.64
C LEU A 200 -41.57 -2.43 6.96
N HIS A 201 -41.42 -3.68 7.40
CA HIS A 201 -42.58 -4.47 7.80
C HIS A 201 -43.24 -3.81 9.00
N ALA A 202 -44.58 -3.79 8.99
CA ALA A 202 -45.31 -3.05 10.03
C ALA A 202 -45.08 -3.57 11.45
N PRO A 203 -45.18 -4.86 11.74
CA PRO A 203 -44.87 -5.31 13.10
C PRO A 203 -43.37 -5.32 13.38
N ALA A 204 -43.03 -5.08 14.64
CA ALA A 204 -41.65 -5.14 15.12
C ALA A 204 -41.50 -6.33 16.05
N THR A 205 -40.54 -7.20 15.77
CA THR A 205 -40.37 -8.45 16.49
C THR A 205 -39.10 -8.54 17.31
N VAL A 206 -37.93 -8.30 16.70
CA VAL A 206 -36.67 -8.54 17.40
C VAL A 206 -36.53 -7.61 18.60
N CYS A 207 -36.76 -6.32 18.41
CA CYS A 207 -36.69 -5.32 19.48
C CYS A 207 -35.32 -5.43 20.14
N GLY A 208 -35.23 -5.51 21.47
CA GLY A 208 -33.98 -5.65 22.15
C GLY A 208 -34.15 -6.27 23.52
N PRO A 209 -33.14 -6.11 24.39
CA PRO A 209 -33.23 -6.66 25.74
C PRO A 209 -33.89 -5.71 26.74
N LYS A 210 -34.87 -6.20 27.48
CA LYS A 210 -35.56 -5.37 28.46
C LYS A 210 -35.63 -6.07 29.82
N THR B 15 43.17 8.31 -22.26
CA THR B 15 41.90 7.72 -21.86
C THR B 15 41.68 7.81 -20.34
N ASN B 16 41.29 9.00 -19.89
CA ASN B 16 41.00 9.23 -18.48
C ASN B 16 39.51 9.05 -18.25
N LEU B 17 39.15 7.96 -17.57
CA LEU B 17 37.74 7.63 -17.36
C LEU B 17 37.09 8.61 -16.40
N CYS B 18 35.80 8.84 -16.62
CA CYS B 18 35.07 9.78 -15.78
C CYS B 18 34.86 9.17 -14.40
N PRO B 19 34.87 9.99 -13.34
CA PRO B 19 34.79 9.40 -12.00
C PRO B 19 33.37 8.97 -11.60
N PHE B 20 32.87 7.96 -12.30
CA PHE B 20 31.56 7.42 -11.97
C PHE B 20 31.62 6.64 -10.67
N GLY B 21 32.68 5.84 -10.50
CA GLY B 21 32.82 5.05 -9.29
C GLY B 21 32.82 5.90 -8.02
N GLU B 22 33.45 7.08 -8.09
CA GLU B 22 33.47 7.96 -6.94
C GLU B 22 32.05 8.39 -6.56
N VAL B 23 31.22 8.68 -7.55
CA VAL B 23 29.86 9.10 -7.27
C VAL B 23 29.04 7.94 -6.73
N PHE B 24 29.09 6.80 -7.42
CA PHE B 24 28.26 5.66 -7.03
C PHE B 24 28.81 4.99 -5.78
N ASN B 25 30.12 4.76 -5.70
CA ASN B 25 30.72 4.11 -4.54
C ASN B 25 31.27 5.19 -3.62
N ALA B 26 30.36 5.86 -2.92
CA ALA B 26 30.71 6.93 -1.99
C ALA B 26 30.29 6.51 -0.59
N THR B 27 31.21 6.64 0.37
CA THR B 27 30.90 6.23 1.74
C THR B 27 29.77 7.07 2.33
N ARG B 28 29.79 8.38 2.08
CA ARG B 28 28.79 9.29 2.60
C ARG B 28 27.95 9.87 1.47
N PHE B 29 26.63 9.79 1.62
CA PHE B 29 25.68 10.38 0.68
C PHE B 29 24.87 11.47 1.38
N ALA B 30 24.61 12.55 0.65
CA ALA B 30 23.94 13.71 1.21
C ALA B 30 22.47 13.41 1.49
N SER B 31 21.90 14.19 2.40
CA SER B 31 20.49 14.08 2.74
C SER B 31 19.63 14.62 1.62
N VAL B 32 18.35 14.25 1.65
CA VAL B 32 17.43 14.59 0.57
C VAL B 32 17.28 16.10 0.44
N TYR B 33 17.16 16.79 1.58
CA TYR B 33 16.92 18.23 1.55
C TYR B 33 18.10 18.98 0.93
N ALA B 34 19.31 18.52 1.19
CA ALA B 34 20.52 19.15 0.64
C ALA B 34 21.27 18.12 -0.21
N TRP B 35 20.71 17.82 -1.38
CA TRP B 35 21.31 16.83 -2.27
C TRP B 35 22.62 17.34 -2.84
N ASN B 36 23.56 16.42 -3.06
CA ASN B 36 24.89 16.76 -3.53
C ASN B 36 24.96 16.61 -5.04
N ARG B 37 25.38 17.68 -5.72
CA ARG B 37 25.50 17.71 -7.17
C ARG B 37 26.97 17.75 -7.57
N LYS B 38 27.37 16.83 -8.45
CA LYS B 38 28.74 16.78 -8.96
C LYS B 38 28.70 16.92 -10.47
N ARG B 39 29.46 17.88 -10.99
CA ARG B 39 29.53 18.14 -12.42
C ARG B 39 30.74 17.41 -12.99
N ILE B 40 30.49 16.56 -13.99
CA ILE B 40 31.53 15.74 -14.60
C ILE B 40 31.72 16.21 -16.03
N SER B 41 32.97 16.48 -16.41
CA SER B 41 33.28 16.91 -17.76
C SER B 41 34.74 16.63 -18.05
N ASN B 42 35.11 16.77 -19.33
CA ASN B 42 36.49 16.62 -19.80
C ASN B 42 37.05 15.23 -19.45
N CYS B 43 36.26 14.20 -19.68
CA CYS B 43 36.70 12.83 -19.47
C CYS B 43 35.91 11.90 -20.37
N VAL B 44 36.47 10.72 -20.61
CA VAL B 44 35.82 9.69 -21.43
C VAL B 44 34.90 8.89 -20.51
N ALA B 45 33.60 9.19 -20.58
CA ALA B 45 32.62 8.55 -19.71
C ALA B 45 32.35 7.13 -20.19
N ASP B 46 32.34 6.18 -19.25
CA ASP B 46 32.00 4.80 -19.55
C ASP B 46 30.60 4.54 -18.99
N TYR B 47 29.64 4.40 -19.88
CA TYR B 47 28.26 4.09 -19.51
C TYR B 47 28.00 2.60 -19.46
N SER B 48 28.85 1.78 -20.09
CA SER B 48 28.62 0.35 -20.14
C SER B 48 28.54 -0.27 -18.75
N VAL B 49 29.41 0.17 -17.84
CA VAL B 49 29.43 -0.41 -16.50
C VAL B 49 28.10 -0.16 -15.79
N LEU B 50 27.52 1.03 -15.99
CA LEU B 50 26.27 1.35 -15.30
C LEU B 50 25.13 0.42 -15.71
N TYR B 51 24.97 0.17 -17.00
CA TYR B 51 23.85 -0.65 -17.45
C TYR B 51 24.18 -2.14 -17.54
N ASN B 52 25.44 -2.53 -17.38
CA ASN B 52 25.81 -3.94 -17.36
C ASN B 52 25.86 -4.51 -15.94
N SER B 53 25.57 -3.69 -14.94
CA SER B 53 25.62 -4.10 -13.54
C SER B 53 24.21 -4.35 -13.02
N ALA B 54 24.02 -5.50 -12.39
CA ALA B 54 22.74 -5.88 -11.82
C ALA B 54 22.55 -5.35 -10.40
N SER B 55 23.55 -4.66 -9.87
CA SER B 55 23.46 -4.15 -8.50
C SER B 55 22.31 -3.16 -8.34
N PHE B 56 22.08 -2.30 -9.34
CA PHE B 56 21.07 -1.26 -9.20
C PHE B 56 19.68 -1.88 -9.27
N SER B 57 18.87 -1.61 -8.23
CA SER B 57 17.51 -2.11 -8.20
C SER B 57 16.63 -1.45 -9.25
N THR B 58 16.75 -0.14 -9.41
CA THR B 58 15.90 0.62 -10.32
C THR B 58 16.77 1.43 -11.27
N PHE B 59 16.54 1.27 -12.56
CA PHE B 59 17.22 2.04 -13.58
C PHE B 59 16.17 2.61 -14.54
N LYS B 60 16.06 3.94 -14.56
CA LYS B 60 15.12 4.63 -15.45
C LYS B 60 15.87 5.66 -16.26
N CYS B 61 15.68 5.66 -17.57
CA CYS B 61 16.27 6.65 -18.47
C CYS B 61 15.17 7.40 -19.20
N TYR B 62 15.20 8.73 -19.12
CA TYR B 62 14.20 9.59 -19.75
C TYR B 62 14.90 10.41 -20.83
N GLY B 63 14.40 10.29 -22.06
CA GLY B 63 14.90 11.09 -23.17
C GLY B 63 16.21 10.61 -23.75
N VAL B 64 16.78 9.51 -23.23
CA VAL B 64 18.05 8.98 -23.69
C VAL B 64 17.98 7.47 -23.61
N SER B 65 18.79 6.80 -24.42
CA SER B 65 18.87 5.35 -24.40
C SER B 65 20.24 4.92 -23.91
N PRO B 66 20.31 3.98 -22.97
CA PRO B 66 21.62 3.62 -22.39
C PRO B 66 22.61 3.11 -23.42
N THR B 67 22.17 2.29 -24.37
CA THR B 67 23.08 1.83 -25.42
C THR B 67 23.55 3.00 -26.28
N LYS B 68 22.64 3.92 -26.60
CA LYS B 68 22.97 5.07 -27.43
C LYS B 68 23.85 6.08 -26.72
N LEU B 69 23.94 6.01 -25.38
CA LEU B 69 24.69 7.00 -24.62
C LEU B 69 26.16 7.05 -25.05
N ASN B 70 26.76 5.90 -25.35
CA ASN B 70 28.18 5.88 -25.70
C ASN B 70 28.46 6.71 -26.95
N ASP B 71 27.62 6.58 -27.98
CA ASP B 71 27.81 7.37 -29.19
C ASP B 71 27.57 8.86 -28.95
N LEU B 72 26.56 9.19 -28.14
CA LEU B 72 26.20 10.59 -27.92
C LEU B 72 27.27 11.35 -27.13
N CYS B 73 27.41 12.62 -27.45
CA CYS B 73 28.34 13.52 -26.78
C CYS B 73 27.56 14.61 -26.06
N PHE B 74 27.91 14.86 -24.79
CA PHE B 74 27.22 15.84 -23.97
C PHE B 74 28.23 16.83 -23.41
N THR B 75 27.83 18.10 -23.36
CA THR B 75 28.71 19.15 -22.85
C THR B 75 29.04 18.93 -21.37
N ASN B 76 28.03 18.62 -20.57
CA ASN B 76 28.23 18.44 -19.13
C ASN B 76 27.26 17.39 -18.62
N VAL B 77 27.70 16.64 -17.61
CA VAL B 77 26.87 15.66 -16.94
C VAL B 77 26.81 16.01 -15.45
N TYR B 78 25.61 16.02 -14.90
CA TYR B 78 25.38 16.36 -13.50
C TYR B 78 24.85 15.14 -12.76
N ALA B 79 25.52 14.77 -11.67
CA ALA B 79 25.14 13.62 -10.86
C ALA B 79 24.64 14.11 -9.51
N ASP B 80 23.41 13.73 -9.16
CA ASP B 80 22.78 14.14 -7.91
C ASP B 80 22.64 12.92 -7.02
N SER B 81 23.21 12.99 -5.82
CA SER B 81 23.25 11.87 -4.89
C SER B 81 22.45 12.16 -3.63
N PHE B 82 21.51 11.27 -3.31
CA PHE B 82 20.72 11.39 -2.09
C PHE B 82 20.19 10.01 -1.72
N VAL B 83 19.83 9.85 -0.45
CA VAL B 83 19.27 8.61 0.08
C VAL B 83 17.81 8.86 0.46
N ILE B 84 16.91 8.02 -0.07
CA ILE B 84 15.48 8.17 0.15
C ILE B 84 14.88 6.81 0.48
N ARG B 85 13.66 6.83 0.99
CA ARG B 85 12.89 5.62 1.26
C ARG B 85 12.47 4.96 -0.04
N GLY B 86 12.14 3.68 0.06
CA GLY B 86 11.73 2.94 -1.13
C GLY B 86 10.49 3.50 -1.79
N ASP B 87 9.51 3.92 -0.98
CA ASP B 87 8.32 4.55 -1.55
C ASP B 87 8.66 5.84 -2.27
N GLU B 88 9.59 6.63 -1.72
CA GLU B 88 9.93 7.92 -2.29
C GLU B 88 10.63 7.81 -3.64
N VAL B 89 11.17 6.63 -3.98
CA VAL B 89 11.86 6.46 -5.25
C VAL B 89 10.90 6.73 -6.41
N ARG B 90 9.65 6.30 -6.27
CA ARG B 90 8.64 6.57 -7.29
C ARG B 90 8.43 8.07 -7.47
N GLN B 91 8.45 8.82 -6.37
CA GLN B 91 8.15 10.26 -6.43
C GLN B 91 9.15 11.01 -7.31
N ILE B 92 10.42 10.63 -7.27
CA ILE B 92 11.42 11.39 -8.02
C ILE B 92 11.46 10.94 -9.47
N ALA B 93 10.59 11.53 -10.27
CA ALA B 93 10.51 11.27 -11.71
C ALA B 93 9.91 12.49 -12.38
N PRO B 94 10.14 12.67 -13.67
CA PRO B 94 9.50 13.80 -14.37
C PRO B 94 7.98 13.68 -14.32
N GLY B 95 7.33 14.81 -14.05
CA GLY B 95 5.88 14.85 -13.97
C GLY B 95 5.28 13.93 -12.91
N GLN B 96 5.96 13.81 -11.77
CA GLN B 96 5.47 13.00 -10.66
C GLN B 96 5.37 13.87 -9.42
N THR B 97 4.25 13.75 -8.69
CA THR B 97 3.97 14.59 -7.54
C THR B 97 4.16 13.79 -6.25
N GLY B 98 4.98 14.31 -5.35
CA GLY B 98 5.25 13.70 -4.07
C GLY B 98 5.78 14.77 -3.12
N LYS B 99 5.80 14.43 -1.83
CA LYS B 99 6.39 15.34 -0.86
C LYS B 99 7.86 15.58 -1.16
N ILE B 100 8.59 14.51 -1.49
CA ILE B 100 10.01 14.65 -1.83
C ILE B 100 10.16 15.49 -3.09
N ALA B 101 9.34 15.22 -4.10
CA ALA B 101 9.40 16.00 -5.32
C ALA B 101 9.00 17.46 -5.08
N ASP B 102 7.94 17.68 -4.31
CA ASP B 102 7.44 19.04 -4.12
C ASP B 102 8.40 19.90 -3.32
N TYR B 103 8.96 19.38 -2.22
CA TYR B 103 9.74 20.24 -1.33
C TYR B 103 11.21 19.85 -1.18
N ASN B 104 11.69 18.77 -1.80
CA ASN B 104 13.07 18.35 -1.59
C ASN B 104 13.87 18.37 -2.89
N TYR B 105 13.59 17.48 -3.83
CA TYR B 105 14.29 17.44 -5.10
C TYR B 105 13.26 17.42 -6.23
N LYS B 106 13.40 18.34 -7.18
CA LYS B 106 12.43 18.48 -8.26
C LYS B 106 13.09 18.17 -9.60
N LEU B 107 12.43 17.34 -10.40
CA LEU B 107 12.91 16.96 -11.73
C LEU B 107 12.09 17.64 -12.80
N PRO B 108 12.72 18.28 -13.78
CA PRO B 108 11.95 18.94 -14.83
C PRO B 108 11.17 17.92 -15.65
N ASP B 109 9.99 18.34 -16.13
CA ASP B 109 9.21 17.47 -17.00
C ASP B 109 9.98 17.16 -18.28
N ASP B 110 10.63 18.17 -18.87
CA ASP B 110 11.49 17.98 -20.03
C ASP B 110 12.93 17.70 -19.55
N PHE B 111 13.12 16.47 -19.06
CA PHE B 111 14.38 16.07 -18.48
C PHE B 111 15.01 14.95 -19.30
N THR B 112 16.27 15.13 -19.67
CA THR B 112 17.05 14.13 -20.39
C THR B 112 18.11 13.58 -19.43
N GLY B 113 18.03 12.29 -19.14
CA GLY B 113 18.97 11.67 -18.24
C GLY B 113 18.42 10.39 -17.68
N CYS B 114 19.22 9.78 -16.80
CA CYS B 114 18.90 8.50 -16.20
C CYS B 114 18.94 8.62 -14.68
N VAL B 115 17.89 8.13 -14.01
CA VAL B 115 17.82 8.07 -12.56
C VAL B 115 18.08 6.63 -12.13
N ILE B 116 19.09 6.43 -11.28
CA ILE B 116 19.52 5.10 -10.86
C ILE B 116 19.39 5.00 -9.35
N ALA B 117 18.70 3.95 -8.89
CA ALA B 117 18.49 3.70 -7.47
C ALA B 117 18.87 2.27 -7.14
N TRP B 118 19.57 2.08 -6.02
CA TRP B 118 19.90 0.74 -5.55
C TRP B 118 19.72 0.68 -4.04
N ASN B 119 19.35 -0.50 -3.55
CA ASN B 119 19.11 -0.67 -2.12
C ASN B 119 20.41 -0.53 -1.34
N SER B 120 20.36 0.25 -0.25
CA SER B 120 21.51 0.47 0.62
C SER B 120 21.16 0.13 2.07
N ASN B 121 20.30 -0.87 2.28
CA ASN B 121 19.83 -1.16 3.63
C ASN B 121 20.98 -1.51 4.56
N ASN B 122 21.90 -2.37 4.12
CA ASN B 122 23.00 -2.79 4.98
C ASN B 122 23.91 -1.62 5.32
N LEU B 123 24.25 -0.79 4.33
CA LEU B 123 25.19 0.30 4.57
C LEU B 123 24.62 1.39 5.46
N ASP B 124 23.36 1.77 5.28
CA ASP B 124 22.81 2.94 5.96
C ASP B 124 21.80 2.62 7.06
N SER B 125 21.74 1.38 7.54
CA SER B 125 20.86 1.04 8.65
C SER B 125 21.69 0.52 9.82
N LYS B 126 21.41 1.04 11.01
CA LYS B 126 22.03 0.58 12.24
C LYS B 126 20.93 0.20 13.22
N VAL B 127 21.31 -0.59 14.23
CA VAL B 127 20.32 -1.14 15.17
C VAL B 127 19.54 -0.03 15.85
N GLY B 128 20.23 1.04 16.29
CA GLY B 128 19.51 2.17 16.84
C GLY B 128 18.65 2.87 15.81
N GLY B 129 19.15 2.98 14.58
CA GLY B 129 18.49 3.65 13.48
C GLY B 129 19.29 4.87 13.09
N ASN B 130 19.36 5.13 11.79
CA ASN B 130 20.15 6.23 11.26
C ASN B 130 19.24 7.44 11.03
N TYR B 131 19.30 8.39 11.94
CA TYR B 131 18.47 9.59 11.85
C TYR B 131 19.20 10.78 11.25
N ASN B 132 20.44 10.57 10.80
CA ASN B 132 21.21 11.66 10.21
C ASN B 132 20.55 12.18 8.94
N TYR B 133 20.01 11.29 8.11
CA TYR B 133 19.35 11.70 6.88
C TYR B 133 18.05 12.44 7.21
N LEU B 134 17.83 13.56 6.52
CA LEU B 134 16.68 14.41 6.77
C LEU B 134 16.03 14.80 5.45
N TYR B 135 14.73 15.07 5.52
CA TYR B 135 13.97 15.55 4.36
C TYR B 135 13.08 16.70 4.81
N ARG B 136 12.79 17.61 3.87
CA ARG B 136 12.03 18.82 4.16
C ARG B 136 10.55 18.50 4.09
N LEU B 137 9.93 18.27 5.26
CA LEU B 137 8.52 17.94 5.32
C LEU B 137 7.65 19.12 4.89
N PHE B 138 7.99 20.33 5.33
CA PHE B 138 7.16 21.51 5.08
C PHE B 138 7.98 22.59 4.39
N ARG B 139 7.42 23.17 3.33
CA ARG B 139 8.01 24.31 2.66
C ARG B 139 6.89 25.22 2.18
N LYS B 140 7.22 26.51 2.04
CA LYS B 140 6.19 27.48 1.66
C LYS B 140 5.62 27.22 0.27
N SER B 141 6.49 26.88 -0.68
CA SER B 141 6.07 26.66 -2.06
C SER B 141 6.78 25.43 -2.61
N ASN B 142 6.21 24.85 -3.66
CA ASN B 142 6.85 23.73 -4.32
C ASN B 142 8.16 24.18 -4.96
N LEU B 143 9.19 23.35 -4.83
CA LEU B 143 10.50 23.69 -5.37
C LEU B 143 10.50 23.69 -6.90
N LYS B 144 11.21 24.65 -7.48
CA LYS B 144 11.38 24.67 -8.91
C LYS B 144 12.40 23.60 -9.32
N PRO B 145 12.38 23.16 -10.57
CA PRO B 145 13.26 22.07 -10.98
C PRO B 145 14.74 22.39 -10.77
N PHE B 146 15.48 21.40 -10.28
CA PHE B 146 16.92 21.50 -10.03
C PHE B 146 17.26 22.66 -9.09
N GLU B 147 16.43 22.85 -8.06
CA GLU B 147 16.67 23.87 -7.06
C GLU B 147 16.81 23.23 -5.69
N ARG B 148 17.79 23.69 -4.91
CA ARG B 148 18.08 23.13 -3.61
C ARG B 148 17.79 24.17 -2.53
N ASP B 149 17.00 23.79 -1.53
CA ASP B 149 16.70 24.63 -0.39
C ASP B 149 17.36 24.02 0.83
N ILE B 150 18.29 24.74 1.44
CA ILE B 150 19.00 24.27 2.62
C ILE B 150 18.66 25.07 3.88
N SER B 151 17.90 26.15 3.77
CA SER B 151 17.62 27.00 4.92
C SER B 151 16.77 26.27 5.94
N THR B 152 17.17 26.34 7.20
CA THR B 152 16.46 25.73 8.32
C THR B 152 15.76 26.83 9.11
N GLU B 153 14.53 27.14 8.71
CA GLU B 153 13.72 28.16 9.37
C GLU B 153 12.39 27.54 9.74
N ILE B 154 11.90 27.88 10.94
CA ILE B 154 10.68 27.25 11.45
C ILE B 154 9.52 27.56 10.52
N TYR B 155 8.77 26.52 10.16
CA TYR B 155 7.66 26.65 9.24
C TYR B 155 6.44 27.21 9.96
N GLN B 156 5.81 28.21 9.35
CA GLN B 156 4.61 28.83 9.89
C GLN B 156 3.39 28.27 9.18
N ALA B 157 2.44 27.76 9.95
CA ALA B 157 1.19 27.24 9.41
C ALA B 157 -0.02 28.03 9.88
N GLY B 158 -0.08 28.37 11.16
CA GLY B 158 -1.16 29.17 11.67
C GLY B 158 -0.94 30.64 11.40
N SER B 159 -1.94 31.44 11.74
CA SER B 159 -1.82 32.88 11.58
C SER B 159 -0.72 33.46 12.46
N THR B 160 -0.61 32.94 13.69
CA THR B 160 0.36 33.48 14.63
C THR B 160 1.79 33.34 14.13
N PRO B 161 2.61 34.39 14.22
CA PRO B 161 4.00 34.29 13.78
C PRO B 161 4.82 33.38 14.67
N CYS B 162 5.64 32.53 14.05
CA CYS B 162 6.52 31.65 14.82
C CYS B 162 7.55 32.46 15.60
N ASN B 163 8.10 33.51 14.99
CA ASN B 163 9.12 34.36 15.61
C ASN B 163 10.40 33.59 15.91
N GLY B 164 10.67 32.53 15.15
CA GLY B 164 11.88 31.76 15.34
C GLY B 164 11.86 30.79 16.50
N VAL B 165 10.70 30.58 17.14
CA VAL B 165 10.59 29.72 18.31
C VAL B 165 9.62 28.59 17.98
N GLU B 166 10.02 27.37 18.30
CA GLU B 166 9.13 26.23 18.11
C GLU B 166 7.92 26.34 19.02
N GLY B 167 6.75 26.08 18.48
CA GLY B 167 5.51 26.22 19.21
C GLY B 167 4.39 25.51 18.48
N PHE B 168 3.19 25.60 19.06
CA PHE B 168 2.01 25.06 18.38
C PHE B 168 1.82 25.76 17.05
N ASN B 169 1.61 24.95 16.00
CA ASN B 169 1.41 25.37 14.61
C ASN B 169 2.71 25.81 13.96
N CYS B 170 3.85 25.64 14.64
CA CYS B 170 5.16 25.95 14.09
C CYS B 170 6.02 24.70 14.20
N TYR B 171 6.55 24.24 13.07
CA TYR B 171 7.27 22.97 13.05
C TYR B 171 8.58 23.11 12.30
N PHE B 172 9.61 22.45 12.82
CA PHE B 172 10.90 22.41 12.14
C PHE B 172 10.74 21.64 10.83
N PRO B 173 11.27 22.17 9.72
CA PRO B 173 11.02 21.51 8.42
C PRO B 173 11.63 20.13 8.29
N LEU B 174 12.86 19.93 8.75
CA LEU B 174 13.54 18.65 8.54
C LEU B 174 12.93 17.55 9.39
N GLN B 175 12.77 16.37 8.79
CA GLN B 175 12.26 15.19 9.48
C GLN B 175 13.23 14.03 9.29
N SER B 176 13.54 13.36 10.39
CA SER B 176 14.48 12.24 10.38
C SER B 176 13.86 10.98 9.75
N TYR B 177 14.73 10.11 9.25
CA TYR B 177 14.34 8.83 8.68
C TYR B 177 14.71 7.72 9.66
N GLY B 178 13.78 6.82 9.95
CA GLY B 178 14.05 5.78 10.93
C GLY B 178 15.17 4.84 10.49
N PHE B 179 15.07 4.34 9.26
CA PHE B 179 16.11 3.53 8.61
C PHE B 179 16.60 2.38 9.51
N GLN B 180 15.66 1.66 10.11
CA GLN B 180 16.05 0.50 10.89
C GLN B 180 16.43 -0.67 9.96
N PRO B 181 17.30 -1.58 10.42
CA PRO B 181 17.64 -2.74 9.60
C PRO B 181 16.44 -3.65 9.33
N THR B 182 15.56 -3.83 10.32
CA THR B 182 14.41 -4.70 10.18
C THR B 182 13.27 -4.04 9.42
N ASN B 183 13.42 -2.78 9.02
CA ASN B 183 12.36 -2.08 8.32
C ASN B 183 12.03 -2.75 7.00
N GLY B 184 10.80 -2.59 6.57
CA GLY B 184 10.35 -3.20 5.34
C GLY B 184 10.99 -2.54 4.13
N VAL B 185 10.84 -3.21 2.97
CA VAL B 185 11.51 -2.76 1.76
C VAL B 185 11.08 -1.33 1.42
N GLY B 186 9.82 -1.00 1.65
CA GLY B 186 9.37 0.36 1.41
C GLY B 186 10.09 1.38 2.27
N TYR B 187 10.33 1.04 3.53
CA TYR B 187 10.99 1.95 4.46
C TYR B 187 12.51 1.83 4.43
N GLN B 188 13.05 0.85 3.72
CA GLN B 188 14.50 0.66 3.69
C GLN B 188 15.17 1.81 2.95
N PRO B 189 16.35 2.24 3.39
CA PRO B 189 17.06 3.32 2.69
C PRO B 189 17.46 2.89 1.29
N TYR B 190 17.25 3.78 0.32
CA TYR B 190 17.65 3.56 -1.06
C TYR B 190 18.54 4.70 -1.52
N ARG B 191 19.72 4.37 -2.02
CA ARG B 191 20.66 5.34 -2.56
C ARG B 191 20.32 5.61 -4.01
N VAL B 192 20.12 6.88 -4.35
CA VAL B 192 19.69 7.29 -5.69
C VAL B 192 20.69 8.26 -6.27
N VAL B 193 21.16 7.96 -7.49
CA VAL B 193 22.01 8.85 -8.26
C VAL B 193 21.26 9.24 -9.52
N VAL B 194 21.09 10.54 -9.74
CA VAL B 194 20.36 11.06 -10.89
C VAL B 194 21.37 11.68 -11.86
N LEU B 195 21.38 11.20 -13.10
CA LEU B 195 22.28 11.71 -14.11
C LEU B 195 21.54 12.67 -15.03
N SER B 196 22.07 13.88 -15.17
CA SER B 196 21.50 14.89 -16.05
C SER B 196 22.48 15.20 -17.17
N PHE B 197 22.01 15.09 -18.41
CA PHE B 197 22.84 15.30 -19.59
C PHE B 197 22.45 16.61 -20.23
N GLU B 198 23.40 17.53 -20.37
CA GLU B 198 23.16 18.85 -20.92
C GLU B 198 24.05 19.06 -22.13
N LEU B 199 23.45 19.35 -23.27
CA LEU B 199 24.19 19.67 -24.49
C LEU B 199 24.03 21.15 -24.88
N LEU B 200 23.47 21.97 -23.99
CA LEU B 200 23.21 23.36 -24.33
C LEU B 200 24.51 24.10 -24.62
N HIS B 201 25.55 23.86 -23.83
CA HIS B 201 26.84 24.47 -24.09
C HIS B 201 27.37 23.99 -25.45
N ALA B 202 27.96 24.91 -26.21
CA ALA B 202 28.35 24.60 -27.59
C ALA B 202 29.40 23.50 -27.70
N PRO B 203 30.51 23.51 -26.96
CA PRO B 203 31.44 22.38 -27.04
C PRO B 203 30.92 21.15 -26.32
N ALA B 204 31.32 19.99 -26.82
CA ALA B 204 31.00 18.71 -26.20
C ALA B 204 32.28 18.09 -25.67
N THR B 205 32.29 17.73 -24.39
CA THR B 205 33.49 17.26 -23.72
C THR B 205 33.44 15.80 -23.28
N VAL B 206 32.41 15.40 -22.54
CA VAL B 206 32.40 14.06 -21.96
C VAL B 206 32.36 12.99 -23.03
N CYS B 207 31.46 13.14 -24.00
CA CYS B 207 31.33 12.20 -25.13
C CYS B 207 31.16 10.79 -24.56
N GLY B 208 31.92 9.79 -25.02
CA GLY B 208 31.84 8.46 -24.49
C GLY B 208 33.11 7.68 -24.73
N PRO B 209 33.04 6.34 -24.65
CA PRO B 209 34.21 5.50 -24.88
C PRO B 209 34.41 5.15 -26.35
N GLN C 1 -10.40 1.88 -19.09
CA GLN C 1 -10.02 1.02 -17.98
C GLN C 1 -9.00 -0.02 -18.41
N VAL C 2 -8.02 -0.27 -17.54
CA VAL C 2 -6.97 -1.25 -17.79
C VAL C 2 -7.24 -2.47 -16.92
N GLN C 3 -7.36 -3.64 -17.56
CA GLN C 3 -7.61 -4.89 -16.86
C GLN C 3 -6.53 -5.89 -17.22
N LEU C 4 -5.97 -6.54 -16.21
CA LEU C 4 -4.95 -7.57 -16.41
C LEU C 4 -5.47 -8.91 -15.90
N VAL C 5 -5.42 -9.92 -16.76
CA VAL C 5 -5.82 -11.28 -16.39
C VAL C 5 -4.60 -12.17 -16.51
N GLU C 6 -4.29 -12.88 -15.43
CA GLU C 6 -3.16 -13.80 -15.38
C GLU C 6 -3.62 -15.23 -15.62
N SER C 7 -2.81 -15.98 -16.35
CA SER C 7 -3.12 -17.36 -16.70
C SER C 7 -1.91 -18.23 -16.39
N GLY C 8 -2.18 -19.52 -16.19
CA GLY C 8 -1.14 -20.46 -15.84
C GLY C 8 -0.94 -20.53 -14.34
N GLY C 9 0.08 -21.28 -13.96
CA GLY C 9 0.38 -21.50 -12.56
C GLY C 9 -0.24 -22.80 -12.05
N GLY C 10 0.35 -23.31 -10.97
CA GLY C 10 -0.11 -24.56 -10.41
C GLY C 10 1.07 -25.31 -9.80
N LEU C 11 0.76 -26.51 -9.32
CA LEU C 11 1.79 -27.37 -8.76
C LEU C 11 2.74 -27.83 -9.85
N VAL C 12 4.04 -27.72 -9.59
CA VAL C 12 5.08 -28.13 -10.54
C VAL C 12 6.15 -28.90 -9.77
N GLN C 13 6.70 -29.92 -10.41
CA GLN C 13 7.82 -30.66 -9.86
C GLN C 13 9.10 -29.83 -9.99
N PRO C 14 10.09 -30.06 -9.13
CA PRO C 14 11.34 -29.31 -9.25
C PRO C 14 11.98 -29.54 -10.61
N GLY C 15 12.47 -28.46 -11.20
CA GLY C 15 13.02 -28.51 -12.53
C GLY C 15 11.97 -28.41 -13.62
N GLY C 16 10.70 -28.23 -13.25
CA GLY C 16 9.64 -28.13 -14.22
C GLY C 16 9.65 -26.81 -14.96
N SER C 17 9.05 -26.82 -16.14
CA SER C 17 8.90 -25.64 -16.97
C SER C 17 7.45 -25.21 -17.00
N LEU C 18 7.20 -23.95 -16.65
CA LEU C 18 5.85 -23.39 -16.59
C LEU C 18 5.81 -22.06 -17.30
N ARG C 19 4.71 -21.79 -17.98
CA ARG C 19 4.51 -20.55 -18.73
C ARG C 19 3.37 -19.77 -18.11
N LEU C 20 3.61 -18.50 -17.83
CA LEU C 20 2.60 -17.60 -17.26
C LEU C 20 2.24 -16.53 -18.27
N SER C 21 0.95 -16.36 -18.52
CA SER C 21 0.46 -15.39 -19.48
C SER C 21 -0.37 -14.33 -18.75
N CYS C 22 -0.05 -13.06 -19.00
CA CYS C 22 -0.80 -11.93 -18.46
C CYS C 22 -1.59 -11.28 -19.59
N ALA C 23 -2.92 -11.36 -19.51
CA ALA C 23 -3.76 -10.74 -20.51
C ALA C 23 -3.78 -9.23 -20.34
N ALA C 24 -3.81 -8.51 -21.46
CA ALA C 24 -3.87 -7.06 -21.46
C ALA C 24 -5.11 -6.60 -22.22
N SER C 25 -5.89 -5.73 -21.61
CA SER C 25 -7.07 -5.15 -22.25
C SER C 25 -7.15 -3.67 -21.93
N GLY C 26 -7.66 -2.91 -22.90
CA GLY C 26 -7.87 -1.49 -22.73
C GLY C 26 -6.64 -0.62 -22.94
N PHE C 27 -5.51 -1.21 -23.33
CA PHE C 27 -4.30 -0.45 -23.58
C PHE C 27 -3.42 -1.26 -24.54
N THR C 28 -2.47 -0.58 -25.16
CA THR C 28 -1.53 -1.23 -26.06
C THR C 28 -0.35 -1.76 -25.26
N LEU C 29 -0.07 -3.06 -25.40
CA LEU C 29 0.97 -3.70 -24.62
C LEU C 29 2.35 -3.14 -24.95
N ASP C 30 2.61 -2.89 -26.24
CA ASP C 30 3.94 -2.46 -26.67
C ASP C 30 4.33 -1.12 -26.06
N ASP C 31 3.39 -0.17 -26.00
CA ASP C 31 3.73 1.16 -25.51
C ASP C 31 4.15 1.14 -24.05
N TYR C 32 3.46 0.36 -23.22
CA TYR C 32 3.75 0.33 -21.80
C TYR C 32 4.90 -0.62 -21.49
N ALA C 33 5.50 -0.43 -20.32
CA ALA C 33 6.60 -1.25 -19.84
C ALA C 33 6.07 -2.29 -18.86
N ILE C 34 6.20 -3.56 -19.21
CA ILE C 34 5.61 -4.65 -18.43
C ILE C 34 6.69 -5.29 -17.56
N GLY C 35 6.44 -5.32 -16.26
CA GLY C 35 7.33 -5.97 -15.32
C GLY C 35 6.66 -7.06 -14.52
N TRP C 36 7.21 -8.27 -14.54
CA TRP C 36 6.69 -9.37 -13.73
C TRP C 36 7.24 -9.27 -12.32
N PHE C 37 6.36 -9.47 -11.33
CA PHE C 37 6.73 -9.36 -9.93
C PHE C 37 6.39 -10.63 -9.18
N ARG C 38 7.27 -11.01 -8.26
CA ARG C 38 7.10 -12.20 -7.43
C ARG C 38 6.91 -11.78 -5.98
N GLN C 39 5.86 -12.28 -5.35
CA GLN C 39 5.56 -11.97 -3.96
C GLN C 39 5.63 -13.24 -3.12
N ALA C 40 6.58 -13.28 -2.20
CA ALA C 40 6.66 -14.38 -1.24
C ALA C 40 5.69 -14.13 -0.10
N PRO C 41 5.19 -15.19 0.55
CA PRO C 41 4.21 -15.00 1.61
C PRO C 41 4.80 -14.18 2.75
N GLY C 42 4.10 -13.09 3.09
CA GLY C 42 4.57 -12.21 4.14
C GLY C 42 5.70 -11.28 3.73
N LYS C 43 5.93 -11.12 2.43
CA LYS C 43 7.02 -10.31 1.92
C LYS C 43 6.51 -9.38 0.83
N GLU C 44 7.25 -8.28 0.63
CA GLU C 44 6.91 -7.34 -0.43
C GLU C 44 7.19 -7.95 -1.79
N ARG C 45 6.43 -7.49 -2.79
CA ARG C 45 6.61 -7.96 -4.16
C ARG C 45 7.99 -7.56 -4.67
N GLU C 46 8.66 -8.50 -5.34
CA GLU C 46 9.98 -8.27 -5.90
C GLU C 46 9.96 -8.52 -7.41
N GLY C 47 10.48 -7.55 -8.17
CA GLY C 47 10.51 -7.69 -9.61
C GLY C 47 11.49 -8.78 -10.04
N VAL C 48 11.08 -9.56 -11.03
CA VAL C 48 11.89 -10.64 -11.58
C VAL C 48 12.32 -10.35 -13.03
N SER C 49 11.37 -10.05 -13.91
CA SER C 49 11.65 -9.82 -15.32
C SER C 49 10.87 -8.60 -15.79
N PHE C 50 11.51 -7.78 -16.62
CA PHE C 50 10.90 -6.52 -17.04
C PHE C 50 11.13 -6.29 -18.53
N ILE C 51 10.18 -5.59 -19.15
CA ILE C 51 10.34 -5.10 -20.51
C ILE C 51 10.90 -3.68 -20.38
N THR C 52 12.22 -3.56 -20.49
CA THR C 52 12.87 -2.28 -20.25
C THR C 52 12.49 -1.22 -21.28
N SER C 53 12.39 -1.61 -22.54
CA SER C 53 12.16 -0.65 -23.61
C SER C 53 11.04 -1.12 -24.53
N SER C 54 10.46 -0.16 -25.26
CA SER C 54 9.42 -0.50 -26.22
C SER C 54 9.96 -1.38 -27.34
N ASP C 55 11.27 -1.31 -27.60
CA ASP C 55 11.90 -2.14 -28.62
C ASP C 55 11.80 -3.62 -28.29
N GLY C 56 11.56 -3.95 -27.02
CA GLY C 56 11.50 -5.32 -26.57
C GLY C 56 12.70 -5.78 -25.78
N SER C 57 13.63 -4.88 -25.44
CA SER C 57 14.75 -5.24 -24.59
C SER C 57 14.25 -5.67 -23.22
N THR C 58 14.85 -6.72 -22.66
CA THR C 58 14.41 -7.28 -21.40
C THR C 58 15.57 -7.40 -20.44
N TYR C 59 15.29 -7.20 -19.15
CA TYR C 59 16.25 -7.34 -18.08
C TYR C 59 15.76 -8.40 -17.12
N TYR C 60 16.66 -9.30 -16.72
CA TYR C 60 16.33 -10.35 -15.76
C TYR C 60 17.21 -10.18 -14.52
N VAL C 61 16.60 -10.36 -13.35
CA VAL C 61 17.34 -10.31 -12.10
C VAL C 61 18.29 -11.50 -12.06
N ASP C 62 19.41 -11.34 -11.33
CA ASP C 62 20.45 -12.36 -11.32
C ASP C 62 19.91 -13.70 -10.87
N SER C 63 18.98 -13.69 -9.89
CA SER C 63 18.43 -14.95 -9.39
C SER C 63 17.68 -15.70 -10.49
N VAL C 64 16.91 -14.98 -11.30
CA VAL C 64 16.09 -15.60 -12.34
C VAL C 64 16.74 -15.51 -13.72
N LYS C 65 17.97 -15.00 -13.81
CA LYS C 65 18.59 -14.81 -15.11
C LYS C 65 18.77 -16.14 -15.82
N GLY C 66 18.52 -16.13 -17.13
CA GLY C 66 18.61 -17.36 -17.92
C GLY C 66 17.41 -18.27 -17.78
N ARG C 67 17.08 -18.66 -16.55
CA ARG C 67 15.95 -19.58 -16.32
C ARG C 67 14.64 -18.96 -16.77
N PHE C 68 14.45 -17.67 -16.53
CA PHE C 68 13.20 -16.99 -16.83
C PHE C 68 13.35 -16.14 -18.09
N THR C 69 12.45 -16.34 -19.04
CA THR C 69 12.41 -15.56 -20.28
C THR C 69 11.03 -14.95 -20.43
N ILE C 70 10.98 -13.65 -20.71
CA ILE C 70 9.73 -12.91 -20.85
C ILE C 70 9.56 -12.53 -22.32
N SER C 71 8.37 -12.83 -22.86
CA SER C 71 8.06 -12.56 -24.25
C SER C 71 6.74 -11.82 -24.35
N ARG C 72 6.64 -10.94 -25.35
CA ARG C 72 5.47 -10.12 -25.57
C ARG C 72 4.88 -10.45 -26.94
N ASP C 73 3.59 -10.77 -26.98
CA ASP C 73 2.87 -11.05 -28.22
C ASP C 73 1.88 -9.91 -28.47
N ASN C 74 2.16 -9.11 -29.49
CA ASN C 74 1.27 -8.00 -29.84
C ASN C 74 -0.05 -8.50 -30.40
N ALA C 75 -0.02 -9.55 -31.22
CA ALA C 75 -1.24 -10.01 -31.90
C ALA C 75 -2.29 -10.45 -30.89
N LYS C 76 -1.89 -11.21 -29.87
CA LYS C 76 -2.82 -11.66 -28.84
C LYS C 76 -2.89 -10.69 -27.67
N ASN C 77 -2.07 -9.64 -27.67
CA ASN C 77 -2.03 -8.63 -26.62
C ASN C 77 -1.82 -9.28 -25.25
N THR C 78 -0.94 -10.28 -25.21
CA THR C 78 -0.60 -11.01 -24.00
C THR C 78 0.92 -11.07 -23.85
N VAL C 79 1.39 -10.87 -22.63
CA VAL C 79 2.81 -10.98 -22.31
C VAL C 79 3.05 -12.31 -21.60
N TYR C 80 4.01 -13.07 -22.10
CA TYR C 80 4.28 -14.42 -21.62
C TYR C 80 5.61 -14.46 -20.88
N LEU C 81 5.60 -15.02 -19.68
CA LEU C 81 6.80 -15.27 -18.90
C LEU C 81 7.01 -16.77 -18.89
N GLN C 82 8.14 -17.23 -19.43
CA GLN C 82 8.47 -18.64 -19.46
C GLN C 82 9.48 -18.94 -18.36
N MET C 83 9.13 -19.88 -17.49
CA MET C 83 9.97 -20.25 -16.36
C MET C 83 10.47 -21.66 -16.54
N ASN C 84 11.79 -21.84 -16.43
CA ASN C 84 12.43 -23.15 -16.62
C ASN C 84 13.32 -23.43 -15.42
N SER C 85 13.59 -24.72 -15.22
CA SER C 85 14.44 -25.18 -14.11
C SER C 85 13.91 -24.65 -12.78
N LEU C 86 12.60 -24.75 -12.59
CA LEU C 86 11.96 -24.22 -11.39
C LEU C 86 12.47 -24.93 -10.15
N THR C 87 12.58 -24.17 -9.07
CA THR C 87 13.10 -24.62 -7.78
C THR C 87 12.09 -24.33 -6.70
N PRO C 88 12.19 -25.02 -5.55
CA PRO C 88 11.26 -24.73 -4.44
C PRO C 88 11.31 -23.28 -3.97
N GLU C 89 12.47 -22.63 -4.06
CA GLU C 89 12.58 -21.23 -3.66
C GLU C 89 11.75 -20.29 -4.54
N ASP C 90 11.27 -20.76 -5.69
CA ASP C 90 10.46 -19.95 -6.59
C ASP C 90 8.97 -20.09 -6.35
N THR C 91 8.57 -20.71 -5.24
CA THR C 91 7.16 -20.86 -4.90
C THR C 91 6.66 -19.53 -4.34
N ALA C 92 5.85 -18.81 -5.12
CA ALA C 92 5.36 -17.50 -4.72
C ALA C 92 4.25 -17.10 -5.68
N ILE C 93 3.57 -16.00 -5.34
CA ILE C 93 2.54 -15.42 -6.18
C ILE C 93 3.20 -14.49 -7.20
N TYR C 94 2.79 -14.58 -8.45
CA TYR C 94 3.38 -13.81 -9.54
C TYR C 94 2.39 -12.80 -10.09
N TYR C 95 2.88 -11.58 -10.34
CA TYR C 95 2.05 -10.47 -10.80
C TYR C 95 2.65 -9.87 -12.06
N CYS C 96 1.80 -9.23 -12.87
CA CYS C 96 2.21 -8.49 -14.05
C CYS C 96 1.82 -7.04 -13.86
N ALA C 97 2.73 -6.13 -14.19
CA ALA C 97 2.52 -4.70 -13.98
C ALA C 97 2.54 -3.96 -15.32
N VAL C 98 1.49 -3.16 -15.55
CA VAL C 98 1.37 -2.42 -16.81
C VAL C 98 2.50 -1.41 -16.96
N GLY C 99 2.80 -0.67 -15.90
CA GLY C 99 3.89 0.29 -15.91
C GLY C 99 3.57 1.58 -16.65
N PRO C 100 4.53 2.50 -16.68
CA PRO C 100 4.34 3.74 -17.44
C PRO C 100 4.45 3.51 -18.93
N SER C 101 3.69 4.32 -19.69
CA SER C 101 3.75 4.28 -21.14
C SER C 101 5.00 5.01 -21.65
N PHE C 102 5.73 4.34 -22.54
CA PHE C 102 6.90 4.98 -23.14
C PHE C 102 6.52 6.18 -23.99
N SER C 103 5.44 6.08 -24.76
CA SER C 103 5.04 7.16 -25.64
C SER C 103 4.61 8.40 -24.85
N TYR C 104 3.80 8.21 -23.81
CA TYR C 104 3.31 9.36 -23.05
C TYR C 104 4.43 10.09 -22.34
N THR C 105 5.33 9.35 -21.70
CA THR C 105 6.45 9.94 -21.00
C THR C 105 7.65 10.05 -21.94
N GLY C 106 8.77 10.52 -21.42
CA GLY C 106 9.99 10.54 -22.19
C GLY C 106 10.85 9.32 -22.01
N SER C 107 10.38 8.36 -21.20
CA SER C 107 11.17 7.19 -20.86
C SER C 107 11.52 6.37 -22.09
N THR C 108 12.80 6.00 -22.19
CA THR C 108 13.26 5.07 -23.22
C THR C 108 13.65 3.72 -22.64
N TYR C 109 14.17 3.71 -21.41
CA TYR C 109 14.52 2.50 -20.69
C TYR C 109 13.85 2.64 -19.33
N TYR C 110 12.97 1.70 -18.98
CA TYR C 110 12.33 1.72 -17.67
C TYR C 110 12.35 0.33 -17.05
N ARG C 111 12.99 0.21 -15.90
CA ARG C 111 12.94 -1.00 -15.09
C ARG C 111 12.97 -0.62 -13.63
N SER C 112 12.14 -1.27 -12.83
CA SER C 112 12.11 -1.03 -11.39
C SER C 112 11.78 -2.32 -10.67
N GLU C 113 12.39 -2.53 -9.51
CA GLU C 113 12.08 -3.68 -8.67
C GLU C 113 11.15 -3.31 -7.52
N LEU C 114 10.58 -2.10 -7.54
CA LEU C 114 9.71 -1.63 -6.48
C LEU C 114 8.27 -1.61 -6.96
N PRO C 115 7.34 -2.18 -6.19
CA PRO C 115 5.94 -2.23 -6.66
C PRO C 115 5.31 -0.88 -6.87
N TRP C 116 5.63 0.11 -6.03
CA TRP C 116 5.01 1.42 -6.12
C TRP C 116 5.26 2.10 -7.45
N ASP C 117 6.44 1.89 -8.04
CA ASP C 117 6.79 2.57 -9.29
C ASP C 117 5.82 2.23 -10.41
N TYR C 118 5.40 0.97 -10.51
CA TYR C 118 4.54 0.55 -11.60
C TYR C 118 3.12 1.06 -11.39
N ASP C 119 2.54 1.61 -12.47
CA ASP C 119 1.24 2.27 -12.39
C ASP C 119 0.10 1.31 -12.08
N TYR C 120 0.06 0.14 -12.72
CA TYR C 120 -1.09 -0.74 -12.58
C TYR C 120 -0.66 -2.15 -12.19
N TRP C 121 -1.60 -2.86 -11.58
CA TRP C 121 -1.37 -4.19 -11.06
C TRP C 121 -2.50 -5.14 -11.47
N GLY C 122 -2.18 -6.43 -11.48
CA GLY C 122 -3.15 -7.45 -11.80
C GLY C 122 -3.20 -8.47 -10.68
N GLN C 123 -4.29 -9.25 -10.66
CA GLN C 123 -4.46 -10.24 -9.61
C GLN C 123 -3.34 -11.27 -9.68
N GLY C 124 -2.97 -11.81 -8.52
CA GLY C 124 -1.88 -12.76 -8.49
C GLY C 124 -2.30 -14.17 -8.82
N THR C 125 -1.34 -14.93 -9.35
CA THR C 125 -1.51 -16.35 -9.63
C THR C 125 -0.45 -17.13 -8.86
N GLN C 126 -0.90 -18.10 -8.07
CA GLN C 126 0.01 -18.86 -7.24
C GLN C 126 0.74 -19.91 -8.06
N VAL C 127 2.07 -19.97 -7.89
CA VAL C 127 2.91 -20.99 -8.50
C VAL C 127 3.61 -21.72 -7.36
N THR C 128 3.41 -23.03 -7.28
CA THR C 128 3.99 -23.83 -6.20
C THR C 128 4.88 -24.93 -6.78
N VAL C 129 6.12 -24.97 -6.32
CA VAL C 129 7.07 -26.01 -6.68
C VAL C 129 7.44 -26.75 -5.40
N SER C 130 7.09 -28.03 -5.31
CA SER C 130 7.38 -28.82 -4.13
C SER C 130 7.85 -30.20 -4.57
N SER C 131 8.99 -30.63 -4.03
CA SER C 131 9.50 -31.96 -4.33
C SER C 131 8.55 -33.05 -3.82
N GLY C 132 8.03 -32.87 -2.59
CA GLY C 132 7.11 -33.86 -2.05
C GLY C 132 5.81 -33.95 -2.84
N GLY C 133 5.31 -32.81 -3.31
CA GLY C 133 4.05 -32.77 -4.01
C GLY C 133 3.03 -31.91 -3.29
N VAL D 2 -5.99 18.05 2.99
CA VAL D 2 -5.92 17.63 4.38
C VAL D 2 -4.47 17.34 4.73
N GLN D 3 -3.95 18.03 5.74
CA GLN D 3 -2.57 17.86 6.19
C GLN D 3 -2.57 17.51 7.67
N LEU D 4 -1.80 16.48 8.03
CA LEU D 4 -1.65 16.05 9.41
C LEU D 4 -0.20 16.21 9.84
N VAL D 5 0.01 16.91 10.95
CA VAL D 5 1.33 17.10 11.52
C VAL D 5 1.35 16.46 12.90
N GLU D 6 2.31 15.57 13.12
CA GLU D 6 2.46 14.86 14.39
C GLU D 6 3.53 15.53 15.24
N SER D 7 3.28 15.59 16.54
CA SER D 7 4.19 16.23 17.48
C SER D 7 4.43 15.28 18.65
N GLY D 8 5.55 15.49 19.32
CA GLY D 8 5.94 14.64 20.43
C GLY D 8 6.73 13.45 19.96
N GLY D 9 7.01 12.56 20.91
CA GLY D 9 7.80 11.39 20.63
C GLY D 9 9.27 11.61 20.99
N GLY D 10 9.96 10.51 21.22
CA GLY D 10 11.36 10.57 21.62
C GLY D 10 11.69 9.43 22.55
N LEU D 11 12.93 9.45 23.02
CA LEU D 11 13.37 8.44 23.98
C LEU D 11 12.66 8.63 25.31
N VAL D 12 12.14 7.53 25.86
CA VAL D 12 11.43 7.55 27.13
C VAL D 12 11.91 6.37 27.96
N GLN D 13 12.01 6.57 29.27
CA GLN D 13 12.33 5.50 30.20
C GLN D 13 11.11 4.60 30.39
N PRO D 14 11.31 3.34 30.76
CA PRO D 14 10.14 2.46 30.98
C PRO D 14 9.26 3.03 32.09
N GLY D 15 7.95 2.97 31.86
CA GLY D 15 7.00 3.56 32.76
C GLY D 15 6.80 5.05 32.55
N GLY D 16 7.45 5.64 31.55
CA GLY D 16 7.32 7.05 31.29
C GLY D 16 5.98 7.40 30.68
N SER D 17 5.61 8.67 30.84
CA SER D 17 4.38 9.21 30.28
C SER D 17 4.73 10.17 29.16
N LEU D 18 4.15 9.94 27.97
CA LEU D 18 4.41 10.74 26.79
C LEU D 18 3.10 11.12 26.13
N ARG D 19 3.03 12.34 25.60
CA ARG D 19 1.85 12.84 24.94
C ARG D 19 2.15 13.10 23.46
N LEU D 20 1.32 12.57 22.58
CA LEU D 20 1.48 12.73 21.15
C LEU D 20 0.32 13.56 20.61
N SER D 21 0.65 14.61 19.85
CA SER D 21 -0.35 15.51 19.29
C SER D 21 -0.32 15.43 17.77
N CYS D 22 -1.48 15.22 17.17
CA CYS D 22 -1.62 15.21 15.71
C CYS D 22 -2.36 16.48 15.29
N ALA D 23 -1.66 17.35 14.55
CA ALA D 23 -2.27 18.57 14.06
C ALA D 23 -3.22 18.26 12.91
N ALA D 24 -4.33 19.00 12.85
CA ALA D 24 -5.31 18.85 11.80
C ALA D 24 -5.50 20.19 11.09
N SER D 25 -5.42 20.18 9.77
CA SER D 25 -5.63 21.37 8.96
C SER D 25 -6.45 21.02 7.74
N GLY D 26 -7.30 21.96 7.32
CA GLY D 26 -8.11 21.80 6.13
C GLY D 26 -9.38 21.01 6.31
N PHE D 27 -9.68 20.58 7.53
CA PHE D 27 -10.91 19.83 7.80
C PHE D 27 -11.27 20.01 9.26
N THR D 28 -12.52 19.72 9.58
CA THR D 28 -12.99 19.79 10.96
C THR D 28 -12.71 18.48 11.67
N LEU D 29 -12.00 18.56 12.80
CA LEU D 29 -11.59 17.36 13.52
C LEU D 29 -12.79 16.59 14.05
N ASP D 30 -13.81 17.30 14.57
CA ASP D 30 -14.94 16.64 15.20
C ASP D 30 -15.72 15.76 14.22
N ASP D 31 -15.92 16.24 13.00
CA ASP D 31 -16.73 15.49 12.03
C ASP D 31 -16.09 14.16 11.68
N TYR D 32 -14.78 14.14 11.48
CA TYR D 32 -14.09 12.93 11.06
C TYR D 32 -13.77 12.03 12.27
N ALA D 33 -13.53 10.75 11.97
CA ALA D 33 -13.18 9.76 12.98
C ALA D 33 -11.67 9.55 12.99
N ILE D 34 -11.04 9.88 14.11
CA ILE D 34 -9.58 9.86 14.22
C ILE D 34 -9.14 8.58 14.91
N GLY D 35 -8.28 7.83 14.25
CA GLY D 35 -7.70 6.63 14.82
C GLY D 35 -6.19 6.66 14.86
N TRP D 36 -5.61 6.44 16.03
CA TRP D 36 -4.17 6.36 16.18
C TRP D 36 -3.69 4.96 15.82
N PHE D 37 -2.60 4.88 15.04
CA PHE D 37 -2.07 3.61 14.58
C PHE D 37 -0.62 3.47 14.97
N ARG D 38 -0.23 2.26 15.34
CA ARG D 38 1.13 1.93 15.74
C ARG D 38 1.74 0.96 14.73
N GLN D 39 2.91 1.31 14.21
CA GLN D 39 3.60 0.47 13.23
C GLN D 39 4.92 0.00 13.82
N ALA D 40 5.04 -1.31 14.00
CA ALA D 40 6.29 -1.93 14.41
C ALA D 40 7.20 -2.10 13.20
N PRO D 41 8.52 -2.08 13.39
CA PRO D 41 9.43 -2.20 12.25
C PRO D 41 9.22 -3.52 11.52
N GLY D 42 8.96 -3.43 10.22
CA GLY D 42 8.72 -4.62 9.42
C GLY D 42 7.34 -5.20 9.59
N LYS D 43 6.39 -4.46 10.15
CA LYS D 43 5.05 -4.94 10.41
C LYS D 43 4.03 -3.94 9.92
N GLU D 44 2.83 -4.43 9.65
CA GLU D 44 1.73 -3.57 9.24
C GLU D 44 1.26 -2.70 10.40
N ARG D 45 0.74 -1.53 10.07
CA ARG D 45 0.22 -0.62 11.08
C ARG D 45 -0.97 -1.25 11.81
N GLU D 46 -0.99 -1.10 13.13
CA GLU D 46 -2.06 -1.63 13.96
C GLU D 46 -2.71 -0.53 14.76
N GLY D 47 -4.04 -0.46 14.70
CA GLY D 47 -4.77 0.57 15.42
C GLY D 47 -4.68 0.34 16.93
N VAL D 48 -4.50 1.44 17.66
CA VAL D 48 -4.44 1.40 19.13
C VAL D 48 -5.63 2.10 19.77
N SER D 49 -5.89 3.36 19.40
CA SER D 49 -6.97 4.14 19.98
C SER D 49 -7.73 4.86 18.88
N PHE D 50 -9.05 4.92 19.01
CA PHE D 50 -9.89 5.48 17.96
C PHE D 50 -10.97 6.35 18.55
N ILE D 51 -11.39 7.35 17.78
CA ILE D 51 -12.56 8.16 18.10
C ILE D 51 -13.72 7.50 17.37
N THR D 52 -14.47 6.66 18.07
CA THR D 52 -15.52 5.88 17.44
C THR D 52 -16.66 6.73 16.92
N SER D 53 -17.05 7.77 17.66
CA SER D 53 -18.22 8.57 17.31
C SER D 53 -17.89 10.05 17.39
N SER D 54 -18.69 10.86 16.68
CA SER D 54 -18.53 12.31 16.75
C SER D 54 -18.79 12.84 18.15
N ASP D 55 -19.58 12.11 18.96
CA ASP D 55 -19.84 12.53 20.33
C ASP D 55 -18.58 12.53 21.17
N GLY D 56 -17.54 11.83 20.74
CA GLY D 56 -16.30 11.72 21.47
C GLY D 56 -16.08 10.40 22.15
N SER D 57 -16.94 9.40 21.91
CA SER D 57 -16.72 8.07 22.44
C SER D 57 -15.43 7.49 21.87
N THR D 58 -14.67 6.81 22.72
CA THR D 58 -13.37 6.27 22.33
C THR D 58 -13.29 4.80 22.67
N TYR D 59 -12.58 4.06 21.82
CA TYR D 59 -12.32 2.63 22.03
C TYR D 59 -10.81 2.42 22.08
N TYR D 60 -10.36 1.64 23.06
CA TYR D 60 -8.96 1.31 23.21
C TYR D 60 -8.78 -0.20 23.07
N VAL D 61 -7.73 -0.59 22.35
CA VAL D 61 -7.40 -2.00 22.21
C VAL D 61 -6.98 -2.55 23.58
N ASP D 62 -7.19 -3.85 23.78
CA ASP D 62 -6.95 -4.45 25.10
C ASP D 62 -5.50 -4.23 25.54
N SER D 63 -4.56 -4.30 24.60
CA SER D 63 -3.16 -4.12 24.95
C SER D 63 -2.90 -2.72 25.52
N VAL D 64 -3.51 -1.69 24.93
CA VAL D 64 -3.28 -0.31 25.33
C VAL D 64 -4.40 0.22 26.21
N LYS D 65 -5.36 -0.63 26.59
CA LYS D 65 -6.51 -0.15 27.37
C LYS D 65 -6.06 0.40 28.70
N GLY D 66 -6.67 1.51 29.11
CA GLY D 66 -6.30 2.17 30.36
C GLY D 66 -5.04 3.01 30.27
N ARG D 67 -3.94 2.41 29.82
CA ARG D 67 -2.67 3.13 29.74
C ARG D 67 -2.76 4.29 28.75
N PHE D 68 -3.44 4.08 27.63
CA PHE D 68 -3.52 5.07 26.55
C PHE D 68 -4.87 5.76 26.57
N THR D 69 -4.86 7.08 26.61
CA THR D 69 -6.07 7.90 26.56
C THR D 69 -5.95 8.87 25.41
N ILE D 70 -7.00 8.94 24.58
CA ILE D 70 -7.03 9.81 23.41
C ILE D 70 -8.02 10.93 23.66
N SER D 71 -7.59 12.17 23.43
CA SER D 71 -8.41 13.34 23.65
C SER D 71 -8.39 14.23 22.41
N ARG D 72 -9.51 14.90 22.17
CA ARG D 72 -9.68 15.76 21.01
C ARG D 72 -9.94 17.19 21.49
N ASP D 73 -9.15 18.14 20.99
CA ASP D 73 -9.34 19.56 21.31
C ASP D 73 -9.81 20.28 20.05
N ASN D 74 -11.08 20.71 20.06
CA ASN D 74 -11.64 21.43 18.93
C ASN D 74 -11.00 22.81 18.76
N ALA D 75 -10.74 23.51 19.87
CA ALA D 75 -10.25 24.88 19.79
C ALA D 75 -8.90 24.94 19.07
N LYS D 76 -7.99 24.03 19.41
CA LYS D 76 -6.68 23.99 18.76
C LYS D 76 -6.68 23.08 17.53
N ASN D 77 -7.78 22.39 17.27
CA ASN D 77 -7.91 21.48 16.13
C ASN D 77 -6.79 20.43 16.14
N THR D 78 -6.47 19.92 17.33
CA THR D 78 -5.44 18.92 17.52
C THR D 78 -6.00 17.78 18.36
N VAL D 79 -5.68 16.55 17.98
CA VAL D 79 -6.07 15.36 18.72
C VAL D 79 -4.86 14.86 19.49
N TYR D 80 -5.03 14.65 20.80
CA TYR D 80 -3.94 14.29 21.70
C TYR D 80 -4.10 12.86 22.17
N LEU D 81 -3.04 12.07 22.04
CA LEU D 81 -2.98 10.73 22.58
C LEU D 81 -2.01 10.76 23.75
N GLN D 82 -2.50 10.43 24.95
CA GLN D 82 -1.69 10.40 26.15
C GLN D 82 -1.32 8.96 26.47
N MET D 83 -0.02 8.70 26.56
CA MET D 83 0.50 7.35 26.82
C MET D 83 1.14 7.32 28.19
N ASN D 84 0.74 6.36 29.01
CA ASN D 84 1.25 6.22 30.37
C ASN D 84 1.71 4.79 30.58
N SER D 85 2.61 4.61 31.56
CA SER D 85 3.16 3.30 31.89
C SER D 85 3.76 2.64 30.66
N LEU D 86 4.54 3.42 29.90
CA LEU D 86 5.12 2.94 28.66
C LEU D 86 6.08 1.79 28.92
N THR D 87 6.10 0.84 28.00
CA THR D 87 6.89 -0.38 28.08
C THR D 87 7.75 -0.50 26.83
N PRO D 88 8.82 -1.30 26.88
CA PRO D 88 9.66 -1.49 25.68
C PRO D 88 8.89 -2.04 24.49
N GLU D 89 7.86 -2.86 24.74
CA GLU D 89 7.05 -3.39 23.64
C GLU D 89 6.29 -2.32 22.89
N ASP D 90 6.20 -1.10 23.42
CA ASP D 90 5.49 -0.01 22.76
C ASP D 90 6.40 0.87 21.92
N THR D 91 7.63 0.43 21.66
CA THR D 91 8.55 1.17 20.80
C THR D 91 8.16 0.94 19.35
N ALA D 92 7.59 1.96 18.72
CA ALA D 92 7.13 1.86 17.34
C ALA D 92 6.81 3.26 16.83
N ILE D 93 6.54 3.34 15.53
CA ILE D 93 6.13 4.58 14.89
C ILE D 93 4.62 4.72 15.04
N TYR D 94 4.18 5.92 15.40
CA TYR D 94 2.77 6.20 15.65
C TYR D 94 2.20 7.14 14.60
N TYR D 95 0.98 6.83 14.13
CA TYR D 95 0.34 7.59 13.07
C TYR D 95 -1.06 8.00 13.52
N CYS D 96 -1.56 9.09 12.93
CA CYS D 96 -2.92 9.56 13.15
C CYS D 96 -3.66 9.50 11.81
N ALA D 97 -4.89 9.00 11.83
CA ALA D 97 -5.68 8.81 10.61
C ALA D 97 -6.94 9.67 10.66
N VAL D 98 -7.17 10.45 9.61
CA VAL D 98 -8.32 11.34 9.55
C VAL D 98 -9.62 10.54 9.54
N GLY D 99 -9.68 9.49 8.73
CA GLY D 99 -10.85 8.63 8.69
C GLY D 99 -12.01 9.20 7.90
N PRO D 100 -13.11 8.45 7.82
CA PRO D 100 -14.31 8.97 7.16
C PRO D 100 -15.03 10.00 8.02
N SER D 101 -15.67 10.94 7.33
CA SER D 101 -16.48 11.95 8.00
C SER D 101 -17.83 11.38 8.41
N PHE D 102 -18.20 11.59 9.68
CA PHE D 102 -19.50 11.12 10.15
C PHE D 102 -20.65 11.86 9.44
N SER D 103 -20.51 13.16 9.23
CA SER D 103 -21.57 13.94 8.60
C SER D 103 -21.81 13.50 7.16
N TYR D 104 -20.74 13.34 6.38
CA TYR D 104 -20.90 12.99 4.98
C TYR D 104 -21.51 11.61 4.80
N THR D 105 -21.04 10.63 5.56
CA THR D 105 -21.57 9.28 5.49
C THR D 105 -22.71 9.12 6.49
N GLY D 106 -23.25 7.92 6.57
CA GLY D 106 -24.24 7.64 7.58
C GLY D 106 -23.68 7.07 8.86
N SER D 107 -22.35 6.94 8.92
CA SER D 107 -21.70 6.29 10.05
C SER D 107 -21.97 7.03 11.35
N THR D 108 -22.35 6.28 12.38
CA THR D 108 -22.48 6.81 13.74
C THR D 108 -21.39 6.29 14.66
N TYR D 109 -20.94 5.06 14.45
CA TYR D 109 -19.85 4.46 15.19
C TYR D 109 -18.88 3.93 14.15
N TYR D 110 -17.64 4.40 14.17
CA TYR D 110 -16.64 3.89 13.23
C TYR D 110 -15.33 3.62 13.95
N ARG D 111 -14.89 2.36 13.92
CA ARG D 111 -13.58 1.98 14.41
C ARG D 111 -13.05 0.86 13.53
N SER D 112 -11.77 0.95 13.18
CA SER D 112 -11.12 -0.10 12.39
C SER D 112 -9.67 -0.22 12.81
N GLU D 113 -9.15 -1.43 12.81
CA GLU D 113 -7.75 -1.69 13.09
C GLU D 113 -6.94 -1.90 11.81
N LEU D 114 -7.54 -1.66 10.65
CA LEU D 114 -6.90 -1.88 9.37
C LEU D 114 -6.51 -0.55 8.74
N PRO D 115 -5.27 -0.39 8.28
CA PRO D 115 -4.86 0.91 7.72
C PRO D 115 -5.65 1.33 6.50
N TRP D 116 -6.01 0.38 5.64
CA TRP D 116 -6.69 0.71 4.38
C TRP D 116 -8.03 1.40 4.61
N ASP D 117 -8.73 1.04 5.69
CA ASP D 117 -10.06 1.60 5.93
C ASP D 117 -10.01 3.12 6.09
N TYR D 118 -9.00 3.63 6.79
CA TYR D 118 -8.91 5.06 7.05
C TYR D 118 -8.52 5.83 5.79
N ASP D 119 -9.25 6.93 5.54
CA ASP D 119 -9.08 7.68 4.29
C ASP D 119 -7.71 8.37 4.19
N TYR D 120 -7.24 8.99 5.26
CA TYR D 120 -6.04 9.80 5.18
C TYR D 120 -5.02 9.40 6.24
N TRP D 121 -3.76 9.70 5.95
CA TRP D 121 -2.64 9.34 6.81
C TRP D 121 -1.71 10.53 7.00
N GLY D 122 -0.95 10.48 8.10
CA GLY D 122 0.02 11.50 8.40
C GLY D 122 1.37 10.86 8.62
N GLN D 123 2.41 11.69 8.54
CA GLN D 123 3.77 11.19 8.70
C GLN D 123 3.94 10.59 10.08
N GLY D 124 4.80 9.58 10.20
CA GLY D 124 4.98 8.92 11.47
C GLY D 124 5.97 9.63 12.37
N THR D 125 5.78 9.45 13.67
CA THR D 125 6.69 9.94 14.69
C THR D 125 7.18 8.77 15.52
N GLN D 126 8.51 8.63 15.61
CA GLN D 126 9.09 7.50 16.32
C GLN D 126 9.03 7.72 17.83
N VAL D 127 8.57 6.69 18.55
CA VAL D 127 8.57 6.68 20.00
C VAL D 127 9.38 5.48 20.44
N THR D 128 10.44 5.72 21.22
CA THR D 128 11.34 4.66 21.65
C THR D 128 11.39 4.59 23.17
N VAL D 129 11.10 3.42 23.72
CA VAL D 129 11.20 3.16 25.15
C VAL D 129 12.26 2.07 25.34
N SER D 130 13.37 2.42 26.00
CA SER D 130 14.45 1.48 26.23
C SER D 130 14.95 1.63 27.65
N SER D 131 15.03 0.52 28.38
CA SER D 131 15.57 0.56 29.74
C SER D 131 17.03 0.97 29.75
N GLY D 132 17.83 0.44 28.81
CA GLY D 132 19.24 0.81 28.75
C GLY D 132 19.44 2.27 28.41
N GLY D 133 18.62 2.81 27.52
CA GLY D 133 18.76 4.18 27.07
C GLY D 133 19.01 4.25 25.58
#